data_2NTF
#
_entry.id   2NTF
#
_cell.length_a   118.659
_cell.length_b   118.659
_cell.length_c   176.042
_cell.angle_alpha   90.00
_cell.angle_beta   90.00
_cell.angle_gamma   90.00
#
_symmetry.space_group_name_H-M   'P 43 21 2'
#
loop_
_entity.id
_entity.type
_entity.pdbx_description
1 polymer 'Murine Antibody Fab RS2-1G9 Lambda Light Chain'
2 polymer 'Murine Antibody Fab RS2-1G9 IGG1 Heavy Chain'
3 non-polymer 3-OXO-N-[(3S)-2-OXOPYRROLIDIN-3-YL]DODECANAMIDE
#
loop_
_entity_poly.entity_id
_entity_poly.type
_entity_poly.pdbx_seq_one_letter_code
_entity_poly.pdbx_strand_id
1 'polypeptide(L)'
;QAVVTQESALTTSPGETVTLTCRSSTGAVTTRNYANWVQEKPDHFFTGLIGDTNNRAPGVPARFSGSLIGHKAALTITGA
QTEDESVYFCALWYSNHWVFGGGTKLTVLGQPKSSPSVTLFPPSSEELETNKATLVCTITDFYPGVVTVDWKVDGTPVTQ
GMETTQPSKQSNNKYMASSYLTLTAGAWERHSSYSCQVTHEGHTVEKSLSR
;
L,A
2 'polypeptide(L)'
;QVQLQQSGSELVRPGASVKLSCKASGYTFTTYWIHWVKQRPGQGLEWIGTIYPGSDNTYYDEKFKNKATLTVDTSSSTAF
MQLSSLTSEDSAVYFCTRGSLYYNNYGWFGYWGQGTLVTVSAAKTTPPSVYPLAPGSNAASQSMVTLGCLVKGYFPEPVT
VTWNSGSLSSGVHTFPAVLQSDLYTLTSSVTVPSSTWPSQTVTCNVAHPASSTKVDKKIVPR
;
H,B
#
# COMPACT_ATOMS: atom_id res chain seq x y z
N GLN A 1 -8.95 -2.95 -2.91
CA GLN A 1 -7.75 -3.88 -2.86
C GLN A 1 -7.70 -4.94 -4.00
N ALA A 2 -8.23 -4.59 -5.17
CA ALA A 2 -7.93 -5.36 -6.34
C ALA A 2 -6.68 -4.67 -6.83
N VAL A 3 -5.92 -5.32 -7.69
CA VAL A 3 -4.90 -4.65 -8.46
C VAL A 3 -5.31 -4.82 -9.90
N VAL A 4 -5.81 -3.73 -10.48
CA VAL A 4 -6.10 -3.64 -11.90
C VAL A 4 -4.82 -3.34 -12.61
N THR A 5 -4.53 -4.05 -13.69
CA THR A 5 -3.21 -4.01 -14.28
C THR A 5 -3.28 -3.63 -15.74
N GLN A 6 -2.54 -2.62 -16.15
CA GLN A 6 -2.48 -2.26 -17.55
C GLN A 6 -1.08 -2.33 -18.11
N GLU A 7 -0.96 -2.48 -19.42
CA GLU A 7 0.30 -2.28 -20.07
C GLU A 7 0.82 -0.89 -19.74
N SER A 8 2.10 -0.81 -19.41
CA SER A 8 2.69 0.38 -18.85
C SER A 8 2.71 1.49 -19.90
N ALA A 9 3.28 1.16 -21.04
CA ALA A 9 3.30 2.00 -22.22
C ALA A 9 3.00 1.14 -23.45
N LEU A 10 2.68 1.81 -24.56
CA LEU A 10 2.42 1.18 -25.86
C LEU A 10 2.64 2.13 -27.04
N THR A 11 3.20 1.64 -28.14
CA THR A 11 3.38 2.50 -29.31
C THR A 11 2.61 2.01 -30.53
N THR A 12 2.05 2.95 -31.27
CA THR A 12 1.39 2.66 -32.53
C THR A 12 2.01 3.59 -33.57
N SER A 13 1.47 3.61 -34.78
CA SER A 13 1.70 4.71 -35.72
C SER A 13 0.37 4.99 -36.42
N PRO A 14 0.23 6.19 -36.98
CA PRO A 14 -1.12 6.55 -37.37
C PRO A 14 -1.67 5.60 -38.41
N GLY A 15 -2.97 5.34 -38.32
CA GLY A 15 -3.65 4.43 -39.23
C GLY A 15 -3.77 3.04 -38.65
N GLU A 16 -2.79 2.62 -37.85
CA GLU A 16 -2.79 1.29 -37.28
C GLU A 16 -3.86 1.14 -36.21
N THR A 17 -4.14 -0.12 -35.87
CA THR A 17 -4.94 -0.49 -34.69
C THR A 17 -4.06 -0.66 -33.44
N VAL A 18 -4.67 -0.56 -32.27
CA VAL A 18 -4.04 -0.99 -31.04
C VAL A 18 -5.07 -1.34 -29.99
N THR A 19 -4.77 -2.35 -29.19
CA THR A 19 -5.61 -2.69 -28.08
C THR A 19 -4.89 -2.52 -26.76
N LEU A 20 -5.50 -1.81 -25.87
CA LEU A 20 -5.01 -1.75 -24.51
C LEU A 20 -5.84 -2.71 -23.67
N THR A 21 -5.19 -3.59 -22.95
CA THR A 21 -5.89 -4.45 -22.02
C THR A 21 -5.86 -3.90 -20.61
N CYS A 22 -6.57 -4.61 -19.75
CA CYS A 22 -6.74 -4.24 -18.37
C CYS A 22 -7.32 -5.51 -17.72
N ARG A 23 -6.60 -6.04 -16.72
CA ARG A 23 -6.98 -7.30 -16.11
C ARG A 23 -7.00 -7.23 -14.62
N SER A 24 -7.79 -8.07 -14.00
CA SER A 24 -7.96 -8.05 -12.58
C SER A 24 -7.10 -9.09 -11.83
N SER A 25 -6.54 -8.67 -10.69
CA SER A 25 -5.86 -9.59 -9.77
C SER A 25 -6.84 -10.65 -9.30
N THR A 26 -8.08 -10.25 -9.14
CA THR A 26 -9.18 -11.11 -8.76
C THR A 26 -9.55 -12.19 -9.74
N GLY A 27 -8.89 -12.25 -10.88
CA GLY A 27 -9.10 -13.38 -11.80
C GLY A 27 -9.63 -12.91 -13.13
N ALA A 28 -10.86 -13.31 -13.45
CA ALA A 28 -11.50 -12.90 -14.69
C ALA A 28 -12.27 -11.62 -14.38
N VAL A 29 -12.43 -10.75 -15.39
CA VAL A 29 -13.26 -9.55 -15.26
C VAL A 29 -14.69 -9.89 -15.59
N THR A 30 -15.61 -9.42 -14.78
CA THR A 30 -16.99 -9.64 -15.04
C THR A 30 -17.65 -8.39 -15.66
N THR A 31 -18.73 -8.67 -16.37
CA THR A 31 -19.67 -7.69 -16.87
C THR A 31 -20.04 -6.76 -15.77
N ARG A 32 -20.10 -7.26 -14.54
CA ARG A 32 -20.46 -6.37 -13.47
C ARG A 32 -19.27 -5.65 -12.84
N ASN A 33 -18.12 -5.67 -13.47
CA ASN A 33 -17.14 -4.71 -13.04
C ASN A 33 -17.40 -3.40 -13.78
N TYR A 34 -18.24 -3.45 -14.81
CA TYR A 34 -18.63 -2.24 -15.55
C TYR A 34 -17.43 -1.47 -16.11
N ALA A 35 -16.45 -2.20 -16.66
CA ALA A 35 -15.20 -1.61 -17.07
C ALA A 35 -15.43 -0.29 -17.79
N ASN A 36 -14.95 0.81 -17.20
CA ASN A 36 -14.87 2.10 -17.87
C ASN A 36 -13.51 2.27 -18.51
N TRP A 37 -13.38 3.27 -19.37
CA TRP A 37 -12.05 3.73 -19.73
C TRP A 37 -12.06 5.21 -19.92
N VAL A 38 -10.95 5.83 -19.53
CA VAL A 38 -10.83 7.27 -19.40
C VAL A 38 -9.52 7.67 -19.99
N GLN A 39 -9.53 8.65 -20.87
CA GLN A 39 -8.33 9.17 -21.46
C GLN A 39 -7.84 10.33 -20.63
N GLU A 40 -6.53 10.45 -20.42
CA GLU A 40 -5.94 11.69 -19.89
C GLU A 40 -5.05 12.31 -20.92
N LYS A 41 -5.39 13.54 -21.29
CA LYS A 41 -4.60 14.31 -22.22
C LYS A 41 -3.84 15.35 -21.42
N PRO A 42 -2.76 15.89 -22.01
CA PRO A 42 -1.91 16.83 -21.34
C PRO A 42 -2.67 17.88 -20.58
N ASP A 43 -2.05 18.42 -19.55
CA ASP A 43 -2.67 19.43 -18.70
C ASP A 43 -3.93 18.91 -18.01
N HIS A 44 -3.94 17.63 -17.69
CA HIS A 44 -5.01 17.12 -16.87
C HIS A 44 -6.36 17.46 -17.48
N PHE A 45 -6.59 17.00 -18.69
CA PHE A 45 -7.95 16.99 -19.21
C PHE A 45 -8.29 15.58 -19.42
N PHE A 46 -9.23 15.12 -18.60
CA PHE A 46 -9.76 13.79 -18.71
C PHE A 46 -11.02 13.80 -19.51
N THR A 47 -11.25 12.74 -20.23
CA THR A 47 -12.52 12.57 -20.91
C THR A 47 -12.92 11.08 -20.77
N GLY A 48 -14.16 10.84 -20.34
CA GLY A 48 -14.65 9.48 -20.36
C GLY A 48 -14.65 8.95 -21.78
N LEU A 49 -14.45 7.67 -21.96
CA LEU A 49 -14.52 7.11 -23.32
C LEU A 49 -15.53 5.97 -23.39
N ILE A 50 -15.43 5.08 -22.42
CA ILE A 50 -16.27 3.90 -22.35
C ILE A 50 -16.82 3.71 -20.95
N GLY A 51 -18.05 3.24 -20.94
CA GLY A 51 -18.72 2.81 -19.75
C GLY A 51 -19.27 1.42 -20.00
N ASP A 52 -19.86 0.86 -18.95
CA ASP A 52 -20.48 -0.45 -19.01
C ASP A 52 -19.88 -1.33 -20.10
N THR A 53 -18.57 -1.51 -19.98
CA THR A 53 -17.81 -2.47 -20.77
C THR A 53 -17.67 -2.09 -22.23
N ASN A 54 -18.77 -1.88 -22.93
CA ASN A 54 -18.62 -1.49 -24.29
C ASN A 54 -19.45 -0.33 -24.79
N ASN A 55 -20.00 0.49 -23.90
CA ASN A 55 -20.78 1.68 -24.28
C ASN A 55 -19.95 2.87 -24.61
N ARG A 56 -20.09 3.43 -25.81
CA ARG A 56 -19.24 4.58 -26.17
C ARG A 56 -19.92 5.87 -25.81
N ALA A 57 -19.16 6.77 -25.22
CA ALA A 57 -19.73 8.01 -24.72
C ALA A 57 -20.01 9.05 -25.84
N PRO A 58 -21.15 9.76 -25.71
CA PRO A 58 -21.57 10.79 -26.65
C PRO A 58 -20.39 11.65 -27.04
N GLY A 59 -20.18 11.81 -28.33
CA GLY A 59 -19.08 12.62 -28.79
C GLY A 59 -17.86 11.80 -29.15
N VAL A 60 -17.59 10.72 -28.44
CA VAL A 60 -16.36 9.98 -28.67
C VAL A 60 -16.39 9.31 -30.04
N PRO A 61 -15.32 9.43 -30.82
CA PRO A 61 -15.06 8.81 -32.12
C PRO A 61 -15.27 7.30 -32.25
N ALA A 62 -15.82 6.85 -33.36
CA ALA A 62 -16.06 5.43 -33.51
C ALA A 62 -14.79 4.59 -33.51
N ARG A 63 -13.64 5.20 -33.79
CA ARG A 63 -12.37 4.48 -33.66
C ARG A 63 -12.31 3.71 -32.36
N PHE A 64 -12.54 4.44 -31.29
CA PHE A 64 -12.46 3.92 -29.97
C PHE A 64 -13.60 2.95 -29.83
N SER A 65 -13.24 1.74 -29.40
CA SER A 65 -14.19 0.70 -29.13
C SER A 65 -13.82 -0.04 -27.85
N GLY A 66 -14.83 -0.46 -27.08
CA GLY A 66 -14.60 -1.13 -25.77
C GLY A 66 -15.02 -2.58 -25.80
N SER A 67 -14.30 -3.46 -25.12
CA SER A 67 -14.54 -4.89 -25.26
C SER A 67 -14.37 -5.63 -23.98
N LEU A 68 -14.70 -6.90 -24.02
CA LEU A 68 -14.42 -7.81 -22.94
C LEU A 68 -14.01 -9.08 -23.62
N ILE A 69 -12.72 -9.37 -23.58
CA ILE A 69 -12.21 -10.50 -24.31
C ILE A 69 -11.76 -11.47 -23.27
N GLY A 70 -12.42 -12.63 -23.23
CA GLY A 70 -12.17 -13.56 -22.18
C GLY A 70 -12.21 -12.91 -20.82
N HIS A 71 -11.08 -12.93 -20.15
CA HIS A 71 -10.99 -12.57 -18.74
C HIS A 71 -10.54 -11.13 -18.55
N LYS A 72 -10.37 -10.36 -19.61
CA LYS A 72 -9.88 -9.02 -19.47
C LYS A 72 -10.61 -8.00 -20.35
N ALA A 73 -10.86 -6.84 -19.75
CA ALA A 73 -11.36 -5.65 -20.44
C ALA A 73 -10.31 -5.15 -21.41
N ALA A 74 -10.77 -4.69 -22.56
CA ALA A 74 -9.91 -4.11 -23.55
C ALA A 74 -10.51 -2.77 -24.06
N LEU A 75 -9.66 -2.03 -24.80
CA LEU A 75 -9.99 -0.82 -25.52
C LEU A 75 -9.15 -0.88 -26.79
N THR A 76 -9.81 -0.96 -27.94
CA THR A 76 -9.13 -0.97 -29.22
C THR A 76 -9.38 0.34 -29.91
N ILE A 77 -8.30 1.01 -30.30
CA ILE A 77 -8.35 2.17 -31.18
C ILE A 77 -8.05 1.69 -32.60
N THR A 78 -8.99 1.88 -33.51
CA THR A 78 -8.79 1.39 -34.85
C THR A 78 -8.05 2.34 -35.77
N GLY A 79 -8.63 3.49 -36.04
CA GLY A 79 -7.95 4.43 -36.91
C GLY A 79 -6.91 5.32 -36.25
N ALA A 80 -5.93 4.74 -35.55
CA ALA A 80 -5.06 5.50 -34.61
C ALA A 80 -4.58 6.81 -35.16
N GLN A 81 -4.87 7.91 -34.48
CA GLN A 81 -4.43 9.21 -34.93
C GLN A 81 -3.58 9.95 -33.89
N THR A 82 -2.80 10.93 -34.34
CA THR A 82 -1.86 11.67 -33.46
C THR A 82 -2.56 12.43 -32.36
N GLU A 83 -3.83 12.71 -32.59
CA GLU A 83 -4.70 13.20 -31.54
C GLU A 83 -4.76 12.24 -30.34
N ASP A 84 -4.35 10.97 -30.53
CA ASP A 84 -4.64 9.91 -29.55
C ASP A 84 -3.49 9.58 -28.61
N GLU A 85 -2.28 10.07 -28.90
CA GLU A 85 -1.17 10.01 -27.95
C GLU A 85 -1.72 10.55 -26.64
N SER A 86 -1.64 9.78 -25.59
CA SER A 86 -2.43 10.09 -24.42
C SER A 86 -2.19 9.02 -23.39
N VAL A 87 -2.83 9.14 -22.25
CA VAL A 87 -2.74 8.12 -21.23
C VAL A 87 -4.12 7.63 -20.94
N TYR A 88 -4.27 6.31 -20.98
CA TYR A 88 -5.57 5.66 -20.82
C TYR A 88 -5.63 4.82 -19.56
N PHE A 89 -6.62 5.08 -18.71
CA PHE A 89 -6.82 4.36 -17.47
C PHE A 89 -8.09 3.61 -17.63
N CYS A 90 -8.10 2.30 -17.40
CA CYS A 90 -9.38 1.58 -17.25
C CYS A 90 -9.66 1.65 -15.77
N ALA A 91 -10.92 1.39 -15.41
CA ALA A 91 -11.38 1.43 -14.02
C ALA A 91 -12.48 0.42 -13.86
N LEU A 92 -12.43 -0.40 -12.81
CA LEU A 92 -13.44 -1.44 -12.54
C LEU A 92 -14.21 -1.30 -11.21
N TRP A 93 -15.45 -1.72 -11.20
CA TRP A 93 -16.26 -1.57 -10.03
C TRP A 93 -16.26 -2.91 -9.33
N TYR A 94 -16.06 -2.92 -8.00
CA TYR A 94 -16.08 -4.14 -7.19
C TYR A 94 -17.07 -4.01 -6.06
N SER A 95 -18.34 -3.96 -6.41
CA SER A 95 -19.47 -3.93 -5.48
C SER A 95 -19.62 -2.72 -4.64
N ASN A 96 -18.54 -2.04 -4.30
CA ASN A 96 -18.69 -0.85 -3.47
C ASN A 96 -17.60 0.15 -3.65
N HIS A 97 -16.80 0.00 -4.68
CA HIS A 97 -15.79 1.00 -4.95
C HIS A 97 -15.29 0.85 -6.36
N TRP A 98 -14.71 1.94 -6.83
CA TRP A 98 -14.09 1.94 -8.11
C TRP A 98 -12.61 1.81 -7.85
N VAL A 99 -11.91 1.14 -8.73
CA VAL A 99 -10.46 1.10 -8.65
C VAL A 99 -9.95 1.31 -10.05
N PHE A 100 -8.93 2.17 -10.20
CA PHE A 100 -8.32 2.48 -11.51
C PHE A 100 -7.11 1.66 -11.76
N GLY A 101 -6.86 1.32 -13.00
CA GLY A 101 -5.55 0.78 -13.37
C GLY A 101 -4.50 1.87 -13.23
N GLY A 102 -3.25 1.57 -13.54
CA GLY A 102 -2.20 2.57 -13.42
C GLY A 102 -1.97 3.26 -14.73
N GLY A 103 -2.73 2.86 -15.75
CA GLY A 103 -2.71 3.53 -17.03
C GLY A 103 -1.60 3.05 -17.97
N THR A 104 -1.88 3.26 -19.26
CA THR A 104 -1.00 2.96 -20.37
C THR A 104 -0.76 4.25 -21.11
N LYS A 105 0.49 4.65 -21.25
CA LYS A 105 0.77 5.78 -22.11
C LYS A 105 0.84 5.25 -23.51
N LEU A 106 0.03 5.80 -24.40
CA LEU A 106 0.09 5.52 -25.80
C LEU A 106 0.94 6.60 -26.44
N THR A 107 1.78 6.14 -27.34
CA THR A 107 2.65 7.01 -28.09
C THR A 107 2.41 6.67 -29.54
N VAL A 108 1.94 7.66 -30.27
CA VAL A 108 1.70 7.50 -31.67
C VAL A 108 2.94 8.00 -32.37
N LEU A 109 3.86 7.08 -32.65
CA LEU A 109 5.15 7.40 -33.25
C LEU A 109 5.05 8.48 -34.29
N GLY A 110 5.85 9.51 -34.05
CA GLY A 110 6.00 10.58 -35.01
C GLY A 110 7.44 10.94 -35.34
N GLN A 111 8.38 10.04 -35.02
CA GLN A 111 9.81 10.26 -35.26
C GLN A 111 10.62 9.05 -34.79
N PRO A 112 11.72 8.74 -35.48
CA PRO A 112 12.54 7.59 -35.10
C PRO A 112 12.96 7.60 -33.63
N LYS A 113 13.15 6.41 -33.08
CA LYS A 113 13.40 6.25 -31.66
C LYS A 113 14.81 6.70 -31.38
N SER A 114 14.99 7.44 -30.28
CA SER A 114 16.29 7.91 -29.85
C SER A 114 16.51 7.37 -28.43
N SER A 115 17.74 6.94 -28.16
CA SER A 115 18.11 6.41 -26.85
C SER A 115 18.75 7.49 -25.95
N PRO A 116 18.53 7.38 -24.64
CA PRO A 116 18.86 8.44 -23.68
C PRO A 116 20.33 8.72 -23.47
N SER A 117 20.64 9.97 -23.15
CA SER A 117 22.00 10.40 -22.78
C SER A 117 22.09 10.59 -21.28
N VAL A 118 22.54 9.53 -20.60
CA VAL A 118 22.62 9.51 -19.15
C VAL A 118 23.88 10.23 -18.71
N THR A 119 23.81 10.92 -17.57
CA THR A 119 24.98 11.63 -17.03
C THR A 119 24.92 11.67 -15.51
N LEU A 120 25.87 10.99 -14.86
CA LEU A 120 25.89 10.87 -13.43
C LEU A 120 26.76 11.97 -12.86
N PHE A 121 26.38 12.48 -11.71
CA PHE A 121 27.16 13.50 -11.08
C PHE A 121 27.46 13.15 -9.64
N PRO A 122 28.73 13.28 -9.25
CA PRO A 122 29.03 13.12 -7.84
C PRO A 122 28.65 14.36 -7.05
N PRO A 123 28.47 14.23 -5.73
CA PRO A 123 28.22 15.36 -4.86
C PRO A 123 29.34 16.39 -4.88
N SER A 124 28.98 17.66 -4.96
CA SER A 124 29.97 18.72 -4.77
C SER A 124 30.38 18.69 -3.33
N SER A 125 31.65 19.00 -3.09
CA SER A 125 32.18 18.99 -1.73
C SER A 125 31.42 19.99 -0.90
N GLU A 126 31.07 21.09 -1.54
CA GLU A 126 30.34 22.14 -0.86
C GLU A 126 29.06 21.60 -0.25
N GLU A 127 28.41 20.70 -0.96
CA GLU A 127 27.20 20.08 -0.43
C GLU A 127 27.58 19.18 0.72
N LEU A 128 28.60 18.38 0.49
CA LEU A 128 29.10 17.46 1.51
C LEU A 128 29.36 18.21 2.82
N GLU A 129 29.89 19.43 2.70
CA GLU A 129 30.14 20.31 3.84
C GLU A 129 28.90 20.74 4.64
N THR A 130 27.70 20.35 4.20
CA THR A 130 26.45 20.61 4.95
C THR A 130 25.88 19.32 5.60
N ASN A 131 26.69 18.25 5.64
CA ASN A 131 26.29 16.95 6.17
C ASN A 131 25.45 16.09 5.21
N LYS A 132 25.31 16.52 3.96
CA LYS A 132 24.42 15.84 3.01
C LYS A 132 25.05 15.65 1.64
N ALA A 133 24.56 14.65 0.93
CA ALA A 133 25.08 14.29 -0.39
C ALA A 133 23.95 13.91 -1.32
N THR A 134 24.09 14.30 -2.58
CA THR A 134 23.09 14.04 -3.59
C THR A 134 23.75 13.72 -4.93
N LEU A 135 23.42 12.56 -5.47
CA LEU A 135 23.83 12.20 -6.81
C LEU A 135 22.73 12.57 -7.79
N VAL A 136 23.13 12.95 -9.00
CA VAL A 136 22.21 13.46 -9.98
C VAL A 136 22.41 12.68 -11.27
N CYS A 137 21.31 12.26 -11.83
CA CYS A 137 21.31 11.49 -13.02
C CYS A 137 20.48 12.28 -13.94
N THR A 138 21.04 12.65 -15.08
CA THR A 138 20.28 13.48 -16.03
C THR A 138 20.03 12.69 -17.29
N ILE A 139 18.79 12.35 -17.57
CA ILE A 139 18.49 11.67 -18.82
C ILE A 139 17.92 12.67 -19.84
N THR A 140 18.47 12.66 -21.05
CA THR A 140 18.03 13.58 -22.10
C THR A 140 18.03 12.93 -23.49
N ASP A 141 17.17 13.43 -24.37
CA ASP A 141 17.12 13.08 -25.80
C ASP A 141 16.74 11.63 -26.11
N PHE A 142 15.54 11.26 -25.67
CA PHE A 142 14.99 9.92 -25.90
C PHE A 142 13.56 10.00 -26.39
N TYR A 143 13.21 9.03 -27.22
CA TYR A 143 11.90 8.93 -27.83
C TYR A 143 11.68 7.49 -28.18
N PRO A 144 10.50 6.96 -27.85
CA PRO A 144 9.42 7.56 -27.09
C PRO A 144 9.90 8.03 -25.72
N GLY A 145 9.10 8.88 -25.08
CA GLY A 145 9.40 9.40 -23.75
C GLY A 145 8.94 8.54 -22.58
N VAL A 146 9.37 7.27 -22.56
CA VAL A 146 9.13 6.35 -21.44
C VAL A 146 10.48 5.78 -20.96
N VAL A 147 10.76 5.96 -19.66
CA VAL A 147 11.93 5.29 -19.06
C VAL A 147 11.65 4.83 -17.66
N THR A 148 12.39 3.83 -17.23
CA THR A 148 12.49 3.51 -15.82
C THR A 148 13.95 3.72 -15.43
N VAL A 149 14.16 4.18 -14.21
CA VAL A 149 15.47 4.58 -13.72
C VAL A 149 15.67 3.88 -12.39
N ASP A 150 16.65 2.99 -12.30
CA ASP A 150 16.93 2.30 -11.05
C ASP A 150 18.28 2.63 -10.52
N TRP A 151 18.41 2.81 -9.22
CA TRP A 151 19.73 3.02 -8.64
C TRP A 151 20.27 1.84 -7.86
N LYS A 152 21.59 1.70 -7.89
CA LYS A 152 22.27 0.66 -7.16
C LYS A 152 23.44 1.27 -6.40
N VAL A 153 23.51 0.97 -5.12
CA VAL A 153 24.68 1.33 -4.33
C VAL A 153 25.30 0.05 -3.81
N ASP A 154 26.60 -0.10 -4.08
CA ASP A 154 27.41 -1.27 -3.70
C ASP A 154 26.80 -2.57 -4.20
N GLY A 155 26.41 -2.59 -5.47
CA GLY A 155 25.90 -3.79 -6.14
C GLY A 155 24.42 -3.97 -5.91
N THR A 156 23.95 -3.59 -4.74
CA THR A 156 22.57 -3.83 -4.40
C THR A 156 21.71 -2.69 -4.83
N PRO A 157 20.41 -2.94 -4.91
CA PRO A 157 19.50 -1.91 -5.38
C PRO A 157 19.09 -0.99 -4.25
N VAL A 158 18.59 0.17 -4.66
CA VAL A 158 18.10 1.17 -3.73
C VAL A 158 16.62 1.31 -4.01
N THR A 159 15.81 1.45 -2.98
CA THR A 159 14.40 1.71 -3.19
C THR A 159 13.81 2.75 -2.25
N GLN A 160 14.66 3.47 -1.54
CA GLN A 160 14.21 4.60 -0.76
C GLN A 160 15.35 5.60 -0.74
N GLY A 161 15.11 6.83 -1.21
CA GLY A 161 16.17 7.84 -1.29
C GLY A 161 16.32 8.40 -2.68
N MET A 162 15.66 7.76 -3.62
CA MET A 162 15.67 8.21 -5.00
C MET A 162 14.39 9.00 -5.26
N GLU A 163 14.48 9.94 -6.21
CA GLU A 163 13.32 10.58 -6.81
C GLU A 163 13.56 10.74 -8.32
N THR A 164 12.54 10.53 -9.13
CA THR A 164 12.68 10.74 -10.56
C THR A 164 11.54 11.54 -11.15
N THR A 165 11.89 12.65 -11.76
CA THR A 165 10.93 13.52 -12.41
C THR A 165 10.35 12.71 -13.55
N GLN A 166 9.06 12.90 -13.83
CA GLN A 166 8.47 12.24 -15.01
C GLN A 166 8.94 12.97 -16.25
N PRO A 167 9.13 12.24 -17.36
CA PRO A 167 9.79 12.86 -18.52
C PRO A 167 9.05 14.05 -19.02
N SER A 168 9.75 15.04 -19.56
CA SER A 168 9.10 16.21 -20.12
C SER A 168 9.66 16.46 -21.52
N LYS A 169 8.95 17.25 -22.32
CA LYS A 169 9.38 17.47 -23.67
C LYS A 169 10.46 18.54 -23.71
N GLN A 170 11.30 18.43 -24.75
CA GLN A 170 12.33 19.39 -25.05
C GLN A 170 11.95 20.01 -26.36
N SER A 171 12.37 21.25 -26.59
CA SER A 171 12.07 21.96 -27.85
C SER A 171 12.13 21.07 -29.11
N ASN A 172 13.09 20.17 -29.15
CA ASN A 172 13.22 19.21 -30.27
C ASN A 172 12.22 18.05 -30.22
N ASN A 173 11.23 18.16 -29.33
CA ASN A 173 10.20 17.13 -29.14
C ASN A 173 10.63 15.74 -28.68
N LYS A 174 11.90 15.58 -28.30
CA LYS A 174 12.35 14.38 -27.58
C LYS A 174 12.16 14.65 -26.12
N TYR A 175 12.57 13.73 -25.26
CA TYR A 175 12.25 13.86 -23.86
C TYR A 175 13.46 14.01 -22.95
N MET A 176 13.22 14.44 -21.72
CA MET A 176 14.27 14.54 -20.74
C MET A 176 13.72 14.20 -19.35
N ALA A 177 14.61 13.65 -18.51
CA ALA A 177 14.26 13.28 -17.13
C ALA A 177 15.47 13.45 -16.21
N SER A 178 15.22 13.50 -14.91
CA SER A 178 16.29 13.68 -13.92
C SER A 178 16.02 12.80 -12.73
N SER A 179 17.08 12.26 -12.14
CA SER A 179 16.94 11.42 -10.94
C SER A 179 17.87 11.85 -9.85
N TYR A 180 17.36 11.88 -8.62
CA TYR A 180 18.12 12.37 -7.48
C TYR A 180 18.21 11.30 -6.41
N LEU A 181 19.42 10.79 -6.17
CA LEU A 181 19.69 9.96 -5.00
C LEU A 181 20.26 10.81 -3.84
N THR A 182 19.61 10.68 -2.69
CA THR A 182 19.93 11.42 -1.48
C THR A 182 20.43 10.50 -0.38
N LEU A 183 21.50 10.93 0.28
CA LEU A 183 22.06 10.21 1.44
C LEU A 183 22.87 11.21 2.27
N THR A 184 23.13 10.87 3.52
CA THR A 184 23.82 11.79 4.41
C THR A 184 25.30 11.73 4.09
N ALA A 185 26.03 12.69 4.64
CA ALA A 185 27.46 12.78 4.43
C ALA A 185 28.17 11.48 4.84
N GLY A 186 27.76 10.90 5.97
CA GLY A 186 28.24 9.59 6.39
C GLY A 186 28.08 8.53 5.31
N ALA A 187 26.83 8.22 4.97
CA ALA A 187 26.52 7.17 3.99
C ALA A 187 27.39 7.25 2.75
N TRP A 188 27.45 8.44 2.17
CA TRP A 188 28.30 8.71 1.02
C TRP A 188 29.66 8.04 1.17
N GLU A 189 30.26 8.23 2.34
CA GLU A 189 31.60 7.77 2.63
C GLU A 189 31.68 6.32 3.08
N ARG A 190 30.55 5.66 3.28
CA ARG A 190 30.57 4.26 3.68
C ARG A 190 30.47 3.32 2.50
N HIS A 191 30.13 3.84 1.33
CA HIS A 191 29.93 2.99 0.17
C HIS A 191 30.99 3.33 -0.87
N SER A 192 30.92 2.68 -2.02
CA SER A 192 31.89 2.92 -3.08
C SER A 192 31.19 2.93 -4.44
N SER A 193 30.57 1.81 -4.81
CA SER A 193 29.84 1.69 -6.07
C SER A 193 28.51 2.45 -6.03
N TYR A 194 28.40 3.43 -6.91
CA TYR A 194 27.18 4.14 -7.10
C TYR A 194 26.79 4.07 -8.56
N SER A 195 25.57 3.63 -8.82
CA SER A 195 25.12 3.33 -10.17
C SER A 195 23.71 3.83 -10.41
N CYS A 196 23.55 4.48 -11.56
CA CYS A 196 22.27 4.96 -12.03
C CYS A 196 21.98 4.22 -13.31
N GLN A 197 20.87 3.50 -13.35
CA GLN A 197 20.53 2.70 -14.51
C GLN A 197 19.23 3.16 -15.10
N VAL A 198 19.24 3.44 -16.39
CA VAL A 198 18.11 3.98 -17.11
C VAL A 198 17.72 2.99 -18.21
N THR A 199 16.47 2.53 -18.20
CA THR A 199 16.02 1.62 -19.24
C THR A 199 15.03 2.30 -20.16
N HIS A 200 15.17 1.97 -21.45
CA HIS A 200 14.38 2.58 -22.50
C HIS A 200 14.22 1.62 -23.66
N GLU A 201 12.97 1.27 -23.99
CA GLU A 201 12.68 0.28 -25.03
C GLU A 201 13.42 -1.04 -24.77
N GLY A 202 13.39 -1.47 -23.52
CA GLY A 202 14.03 -2.73 -23.15
C GLY A 202 15.50 -2.78 -23.48
N HIS A 203 16.15 -1.63 -23.37
CA HIS A 203 17.60 -1.54 -23.43
C HIS A 203 18.03 -0.61 -22.30
N THR A 204 18.91 -1.12 -21.44
CA THR A 204 19.39 -0.34 -20.33
C THR A 204 20.72 0.30 -20.69
N VAL A 205 20.87 1.54 -20.24
CA VAL A 205 22.08 2.29 -20.35
C VAL A 205 22.39 2.71 -18.95
N GLU A 206 23.63 2.52 -18.55
CA GLU A 206 24.01 2.62 -17.17
C GLU A 206 25.20 3.50 -17.01
N LYS A 207 25.23 4.26 -15.94
CA LYS A 207 26.41 5.01 -15.55
C LYS A 207 26.64 4.72 -14.08
N SER A 208 27.90 4.55 -13.70
CA SER A 208 28.24 4.40 -12.31
C SER A 208 29.45 5.22 -12.04
N LEU A 209 29.61 5.66 -10.80
CA LEU A 209 30.81 6.35 -10.38
C LEU A 209 31.32 5.72 -9.12
N SER A 210 32.62 5.61 -9.01
CA SER A 210 33.23 5.02 -7.84
C SER A 210 33.90 6.15 -7.08
N ARG A 211 33.88 6.07 -5.76
CA ARG A 211 34.43 7.13 -4.91
C ARG A 211 35.93 6.97 -4.71
N GLN B 1 -21.84 22.75 -22.53
CA GLN B 1 -22.29 23.65 -21.44
C GLN B 1 -22.41 22.95 -20.05
N VAL B 2 -21.92 21.73 -19.93
CA VAL B 2 -21.76 21.08 -18.61
C VAL B 2 -20.38 21.41 -18.07
N GLN B 3 -20.32 21.79 -16.80
CA GLN B 3 -19.08 22.34 -16.27
C GLN B 3 -19.01 22.24 -14.75
N LEU B 4 -17.82 21.85 -14.26
CA LEU B 4 -17.54 21.73 -12.84
C LEU B 4 -16.31 22.57 -12.58
N GLN B 5 -16.36 23.46 -11.62
CA GLN B 5 -15.25 24.39 -11.44
C GLN B 5 -14.52 24.19 -10.13
N GLN B 6 -13.26 23.77 -10.26
CA GLN B 6 -12.37 23.54 -9.11
C GLN B 6 -11.31 24.64 -9.06
N SER B 7 -11.20 25.29 -7.90
CA SER B 7 -10.12 26.23 -7.65
C SER B 7 -8.75 25.55 -7.77
N GLY B 8 -7.84 26.22 -8.48
CA GLY B 8 -6.60 25.61 -8.94
C GLY B 8 -5.66 25.04 -7.88
N SER B 9 -5.17 25.92 -7.01
CA SER B 9 -4.24 25.51 -5.97
C SER B 9 -4.85 25.79 -4.63
N GLU B 10 -4.36 25.07 -3.64
CA GLU B 10 -4.56 25.45 -2.27
C GLU B 10 -3.41 24.87 -1.46
N LEU B 11 -2.74 25.72 -0.67
CA LEU B 11 -1.62 25.30 0.14
C LEU B 11 -2.05 25.23 1.58
N VAL B 12 -1.63 24.18 2.26
CA VAL B 12 -2.10 23.95 3.61
C VAL B 12 -1.04 23.20 4.42
N ARG B 13 -1.08 23.39 5.73
CA ARG B 13 -0.01 23.00 6.63
C ARG B 13 -0.19 21.60 7.20
N PRO B 14 0.92 20.85 7.35
CA PRO B 14 0.85 19.52 7.94
C PRO B 14 0.03 19.50 9.22
N GLY B 15 -0.80 18.47 9.35
CA GLY B 15 -1.61 18.28 10.54
C GLY B 15 -2.95 18.97 10.48
N ALA B 16 -3.07 19.97 9.60
CA ALA B 16 -4.33 20.68 9.41
C ALA B 16 -5.29 19.84 8.57
N SER B 17 -6.37 20.48 8.15
CA SER B 17 -7.39 19.89 7.28
C SER B 17 -7.67 20.85 6.14
N VAL B 18 -8.41 20.37 5.13
CA VAL B 18 -8.83 21.23 4.03
C VAL B 18 -10.13 20.75 3.41
N LYS B 19 -10.90 21.70 2.88
CA LYS B 19 -12.18 21.42 2.31
C LYS B 19 -12.17 21.84 0.85
N LEU B 20 -12.21 20.85 -0.04
CA LEU B 20 -12.20 21.12 -1.47
C LEU B 20 -13.63 21.29 -2.00
N SER B 21 -13.78 22.12 -3.03
CA SER B 21 -15.07 22.39 -3.65
C SER B 21 -15.06 22.23 -5.18
N CYS B 22 -16.27 22.07 -5.72
CA CYS B 22 -16.49 21.59 -7.07
C CYS B 22 -17.81 22.15 -7.58
N LYS B 23 -17.75 23.21 -8.37
CA LYS B 23 -18.93 24.02 -8.61
C LYS B 23 -19.58 23.61 -9.92
N ALA B 24 -20.60 22.73 -9.84
CA ALA B 24 -21.21 22.13 -11.03
C ALA B 24 -22.31 22.99 -11.62
N SER B 25 -22.34 23.07 -12.95
CA SER B 25 -23.33 23.82 -13.68
C SER B 25 -23.61 23.13 -14.99
N GLY B 26 -24.67 23.58 -15.66
CA GLY B 26 -25.01 23.12 -16.99
C GLY B 26 -25.78 21.81 -17.06
N TYR B 27 -26.28 21.36 -15.90
CA TYR B 27 -27.02 20.10 -15.83
C TYR B 27 -27.77 20.01 -14.49
N THR B 28 -28.57 18.95 -14.32
CA THR B 28 -29.35 18.77 -13.10
C THR B 28 -28.51 18.13 -11.99
N PHE B 29 -27.88 18.99 -11.20
CA PHE B 29 -27.04 18.57 -10.06
C PHE B 29 -27.57 17.36 -9.30
N THR B 30 -28.83 17.39 -8.90
CA THR B 30 -29.41 16.39 -8.03
C THR B 30 -29.34 14.97 -8.56
N THR B 31 -29.34 14.81 -9.87
CA THR B 31 -29.57 13.51 -10.47
C THR B 31 -28.31 12.72 -10.88
N TYR B 32 -27.16 13.39 -10.94
CA TYR B 32 -25.88 12.73 -11.27
C TYR B 32 -24.95 12.63 -10.08
N TRP B 33 -24.19 11.54 -10.00
CA TRP B 33 -23.22 11.31 -8.93
C TRP B 33 -22.01 12.18 -9.12
N ILE B 34 -21.34 12.53 -8.03
CA ILE B 34 -20.02 13.13 -8.13
C ILE B 34 -18.93 12.30 -7.45
N HIS B 35 -17.85 12.09 -8.21
CA HIS B 35 -16.72 11.29 -7.79
C HIS B 35 -15.52 12.19 -7.54
N TRP B 36 -14.68 11.80 -6.58
CA TRP B 36 -13.38 12.43 -6.39
C TRP B 36 -12.17 11.50 -6.64
N VAL B 37 -11.08 12.05 -7.16
CA VAL B 37 -9.95 11.25 -7.60
C VAL B 37 -8.65 11.94 -7.20
N LYS B 38 -7.68 11.19 -6.70
CA LYS B 38 -6.39 11.73 -6.26
C LYS B 38 -5.35 11.45 -7.32
N GLN B 39 -4.54 12.45 -7.66
CA GLN B 39 -3.44 12.17 -8.58
C GLN B 39 -2.15 12.82 -8.12
N ARG B 40 -1.26 12.02 -7.55
CA ARG B 40 0.11 12.43 -7.30
C ARG B 40 0.87 12.36 -8.61
N PRO B 41 1.64 13.40 -8.90
CA PRO B 41 2.50 13.36 -10.07
C PRO B 41 3.20 12.01 -10.15
N GLY B 42 3.31 11.49 -11.36
CA GLY B 42 4.04 10.26 -11.62
C GLY B 42 3.35 9.09 -10.98
N GLN B 43 2.07 9.29 -10.69
CA GLN B 43 1.24 8.18 -10.28
C GLN B 43 -0.08 8.29 -10.99
N GLY B 44 -0.77 7.17 -11.05
CA GLY B 44 -2.05 7.15 -11.68
C GLY B 44 -3.10 7.84 -10.83
N LEU B 45 -4.33 7.48 -11.14
CA LEU B 45 -5.44 8.08 -10.52
C LEU B 45 -5.75 7.16 -9.40
N GLU B 46 -6.33 7.70 -8.34
CA GLU B 46 -6.71 6.92 -7.22
C GLU B 46 -8.11 7.33 -6.87
N TRP B 47 -9.03 6.40 -6.89
CA TRP B 47 -10.43 6.69 -6.58
C TRP B 47 -10.64 6.94 -5.09
N ILE B 48 -11.28 8.03 -4.75
CA ILE B 48 -11.44 8.31 -3.34
C ILE B 48 -12.84 7.89 -2.92
N GLY B 49 -13.83 8.35 -3.67
CA GLY B 49 -15.22 8.20 -3.25
C GLY B 49 -16.19 9.05 -4.05
N THR B 50 -17.44 8.60 -4.04
CA THR B 50 -18.47 9.20 -4.84
C THR B 50 -19.66 9.54 -3.97
N ILE B 51 -20.42 10.56 -4.37
CA ILE B 51 -21.62 10.97 -3.66
C ILE B 51 -22.80 11.15 -4.61
N TYR B 52 -23.98 10.75 -4.16
CA TYR B 52 -25.23 11.04 -4.88
C TYR B 52 -25.99 12.18 -4.20
N PRO B 53 -25.87 13.40 -4.75
CA PRO B 53 -26.39 14.59 -4.09
C PRO B 53 -27.87 14.47 -3.67
N GLY B 54 -28.66 13.76 -4.46
CA GLY B 54 -29.96 13.32 -4.03
C GLY B 54 -29.80 12.29 -2.93
N SER B 55 -30.27 12.65 -1.74
CA SER B 55 -30.24 11.75 -0.61
C SER B 55 -28.86 11.12 -0.42
N ASP B 56 -27.92 11.97 -0.02
CA ASP B 56 -26.82 11.59 0.86
C ASP B 56 -26.52 10.10 0.82
N ASN B 57 -25.99 9.64 -0.30
CA ASN B 57 -25.42 8.32 -0.35
C ASN B 57 -24.01 8.56 -0.70
N THR B 58 -23.17 7.64 -0.24
CA THR B 58 -21.76 7.75 -0.53
C THR B 58 -21.28 6.32 -0.65
N TYR B 59 -20.24 6.12 -1.44
CA TYR B 59 -19.38 4.98 -1.27
C TYR B 59 -18.04 5.64 -1.19
N TYR B 60 -17.27 5.27 -0.17
CA TYR B 60 -15.86 5.62 -0.06
C TYR B 60 -15.06 4.37 -0.37
N ASP B 61 -13.78 4.54 -0.63
CA ASP B 61 -12.86 3.39 -0.68
C ASP B 61 -12.12 3.23 0.65
N GLU B 62 -12.06 2.01 1.15
CA GLU B 62 -11.40 1.67 2.43
C GLU B 62 -10.26 2.62 2.85
N LYS B 63 -9.27 2.75 1.99
CA LYS B 63 -8.05 3.51 2.31
C LYS B 63 -8.29 4.95 2.75
N PHE B 64 -9.37 5.57 2.30
CA PHE B 64 -9.67 6.96 2.61
C PHE B 64 -10.88 7.01 3.52
N LYS B 65 -11.17 5.90 4.17
CA LYS B 65 -12.36 5.79 5.00
C LYS B 65 -12.47 7.04 5.85
N ASN B 66 -11.37 7.38 6.52
CA ASN B 66 -11.32 8.50 7.49
C ASN B 66 -10.26 9.59 7.19
N LYS B 67 -9.72 9.63 5.98
CA LYS B 67 -9.06 10.84 5.48
C LYS B 67 -10.16 11.77 5.03
N ALA B 68 -11.03 11.22 4.19
CA ALA B 68 -11.92 12.00 3.36
C ALA B 68 -13.35 11.92 3.84
N THR B 69 -14.03 13.05 3.74
CA THR B 69 -15.45 13.16 4.06
C THR B 69 -16.11 13.95 2.92
N LEU B 70 -17.28 13.49 2.49
CA LEU B 70 -17.92 13.99 1.26
C LEU B 70 -19.30 14.62 1.48
N THR B 71 -19.52 15.79 0.91
CA THR B 71 -20.76 16.52 1.14
C THR B 71 -21.20 17.32 -0.08
N VAL B 72 -22.50 17.48 -0.21
CA VAL B 72 -23.11 18.23 -1.30
C VAL B 72 -23.41 19.65 -0.85
N ASP B 73 -23.88 20.50 -1.76
CA ASP B 73 -24.69 21.67 -1.38
C ASP B 73 -25.74 21.92 -2.45
N THR B 74 -26.92 21.33 -2.27
CA THR B 74 -27.90 21.27 -3.34
C THR B 74 -28.24 22.67 -3.87
N SER B 75 -28.45 23.63 -2.97
CA SER B 75 -28.82 25.00 -3.36
C SER B 75 -27.82 25.61 -4.33
N SER B 76 -26.58 25.77 -3.90
CA SER B 76 -25.53 26.31 -4.76
C SER B 76 -24.95 25.28 -5.74
N SER B 77 -25.39 24.02 -5.67
CA SER B 77 -24.87 22.97 -6.55
C SER B 77 -23.36 22.94 -6.60
N THR B 78 -22.76 22.89 -5.42
CA THR B 78 -21.33 22.68 -5.29
C THR B 78 -21.14 21.44 -4.43
N ALA B 79 -20.10 20.66 -4.75
CA ALA B 79 -19.74 19.41 -4.06
C ALA B 79 -18.45 19.58 -3.25
N PHE B 80 -18.42 18.98 -2.07
CA PHE B 80 -17.35 19.23 -1.12
C PHE B 80 -16.62 17.98 -0.66
N MET B 81 -15.31 18.14 -0.44
CA MET B 81 -14.47 17.09 0.13
C MET B 81 -13.67 17.66 1.27
N GLN B 82 -13.86 17.08 2.45
CA GLN B 82 -13.09 17.43 3.64
C GLN B 82 -11.90 16.50 3.72
N LEU B 83 -10.70 17.07 3.82
CA LEU B 83 -9.53 16.24 4.12
C LEU B 83 -9.06 16.48 5.56
N SER B 84 -8.65 15.39 6.23
CA SER B 84 -8.56 15.32 7.69
C SER B 84 -7.26 15.84 8.23
N SER B 85 -6.28 14.96 8.43
CA SER B 85 -5.05 15.35 9.13
C SER B 85 -3.90 15.35 8.15
N LEU B 86 -3.93 16.37 7.33
CA LEU B 86 -3.17 16.39 6.10
C LEU B 86 -1.70 16.18 6.34
N THR B 87 -1.13 15.26 5.58
CA THR B 87 0.25 14.95 5.71
C THR B 87 0.87 15.13 4.35
N SER B 88 2.19 15.06 4.35
CA SER B 88 3.01 15.14 3.16
C SER B 88 2.49 14.24 2.07
N GLU B 89 2.14 13.01 2.45
CA GLU B 89 1.63 11.99 1.51
C GLU B 89 0.36 12.41 0.76
N ASP B 90 -0.36 13.39 1.31
CA ASP B 90 -1.62 13.88 0.73
C ASP B 90 -1.46 15.00 -0.31
N SER B 91 -0.22 15.46 -0.50
CA SER B 91 0.06 16.41 -1.54
C SER B 91 -0.16 15.72 -2.85
N ALA B 92 -1.24 16.11 -3.50
CA ALA B 92 -1.69 15.55 -4.75
C ALA B 92 -2.58 16.56 -5.45
N VAL B 93 -2.87 16.32 -6.72
CA VAL B 93 -3.93 17.07 -7.41
C VAL B 93 -5.22 16.29 -7.19
N TYR B 94 -6.29 17.03 -6.96
CA TYR B 94 -7.58 16.43 -6.65
C TYR B 94 -8.68 16.84 -7.62
N PHE B 95 -9.24 15.84 -8.30
CA PHE B 95 -10.26 16.02 -9.32
C PHE B 95 -11.60 15.57 -8.82
N CYS B 96 -12.65 16.28 -9.20
CA CYS B 96 -14.00 15.77 -9.01
C CYS B 96 -14.48 15.52 -10.41
N THR B 97 -15.35 14.54 -10.57
CA THR B 97 -15.92 14.26 -11.88
C THR B 97 -17.35 13.77 -11.74
N ARG B 98 -18.13 14.00 -12.78
CA ARG B 98 -19.53 13.64 -12.81
C ARG B 98 -19.73 12.21 -13.32
N GLY B 99 -20.48 11.39 -12.60
CA GLY B 99 -20.67 9.97 -12.95
C GLY B 99 -21.93 9.56 -13.71
N SER B 100 -22.78 8.78 -13.06
CA SER B 100 -23.98 8.22 -13.68
C SER B 100 -25.26 9.05 -13.45
N LEU B 101 -26.31 8.69 -14.18
CA LEU B 101 -27.60 9.24 -13.90
C LEU B 101 -28.31 8.21 -13.03
N TYR B 102 -28.54 8.59 -11.79
CA TYR B 102 -29.26 7.73 -10.82
C TYR B 102 -28.49 6.49 -10.38
N TYR B 103 -29.11 5.74 -9.50
CA TYR B 103 -28.48 4.59 -8.92
C TYR B 103 -28.32 3.54 -9.97
N ASN B 104 -27.11 3.45 -10.52
CA ASN B 104 -26.79 2.52 -11.59
C ASN B 104 -25.39 2.76 -12.00
N ASN B 105 -24.79 1.79 -12.67
CA ASN B 105 -23.43 1.97 -13.14
C ASN B 105 -23.35 2.00 -14.63
N TYR B 106 -24.43 2.40 -15.28
CA TYR B 106 -24.47 2.31 -16.74
C TYR B 106 -23.94 3.58 -17.45
N GLY B 107 -23.34 4.52 -16.70
CA GLY B 107 -22.83 5.77 -17.29
C GLY B 107 -21.34 5.83 -17.51
N TRP B 108 -20.79 7.03 -17.32
CA TRP B 108 -19.38 7.30 -17.59
C TRP B 108 -18.82 8.31 -16.58
N PHE B 109 -17.49 8.38 -16.52
CA PHE B 109 -16.82 9.54 -15.93
C PHE B 109 -16.87 10.56 -17.06
N GLY B 110 -17.96 11.29 -17.08
CA GLY B 110 -18.21 12.17 -18.20
C GLY B 110 -17.33 13.43 -18.24
N TYR B 111 -17.43 14.21 -17.19
CA TYR B 111 -16.86 15.54 -17.19
C TYR B 111 -16.00 15.72 -15.94
N TRP B 112 -14.90 16.43 -16.08
CA TRP B 112 -13.87 16.47 -15.04
C TRP B 112 -13.56 17.91 -14.73
N GLY B 113 -13.42 18.21 -13.45
CA GLY B 113 -12.86 19.49 -13.07
C GLY B 113 -11.48 19.55 -13.69
N GLN B 114 -10.79 20.67 -13.49
CA GLN B 114 -9.37 20.78 -13.88
C GLN B 114 -8.47 20.56 -12.68
N GLY B 115 -9.07 20.35 -11.51
CA GLY B 115 -8.32 19.94 -10.35
C GLY B 115 -7.86 21.06 -9.42
N THR B 116 -7.62 20.66 -8.16
CA THR B 116 -7.00 21.52 -7.17
C THR B 116 -5.67 20.86 -6.76
N LEU B 117 -4.59 21.62 -6.89
CA LEU B 117 -3.27 21.12 -6.51
C LEU B 117 -3.09 21.39 -5.04
N VAL B 118 -3.11 20.33 -4.24
CA VAL B 118 -3.01 20.47 -2.81
C VAL B 118 -1.60 20.12 -2.38
N THR B 119 -0.91 21.15 -1.91
CA THR B 119 0.48 21.04 -1.58
C THR B 119 0.66 21.28 -0.05
N VAL B 120 1.27 20.29 0.61
CA VAL B 120 1.25 20.19 2.06
C VAL B 120 2.66 20.41 2.55
N SER B 121 2.92 21.55 3.20
CA SER B 121 4.28 21.88 3.70
C SER B 121 4.29 22.90 4.82
N ALA B 122 5.31 22.82 5.68
CA ALA B 122 5.59 23.84 6.71
C ALA B 122 6.70 24.82 6.29
N ALA B 123 7.15 24.73 5.04
CA ALA B 123 8.28 25.53 4.53
C ALA B 123 8.04 27.04 4.58
N LYS B 124 9.11 27.80 4.80
CA LYS B 124 9.07 29.25 4.70
C LYS B 124 10.06 29.68 3.63
N THR B 125 9.83 30.84 3.03
CA THR B 125 10.65 31.30 1.92
C THR B 125 12.17 31.07 2.11
N THR B 126 12.69 30.08 1.41
CA THR B 126 14.09 29.74 1.48
C THR B 126 14.73 29.96 0.12
N PRO B 127 15.83 30.71 0.06
CA PRO B 127 16.56 30.71 -1.20
C PRO B 127 17.06 29.33 -1.55
N PRO B 128 17.49 29.13 -2.81
CA PRO B 128 18.16 27.89 -3.17
C PRO B 128 19.61 27.96 -2.75
N SER B 129 20.20 26.79 -2.52
CA SER B 129 21.65 26.64 -2.35
C SER B 129 22.10 25.99 -3.63
N VAL B 130 22.82 26.74 -4.44
CA VAL B 130 23.24 26.24 -5.73
C VAL B 130 24.63 25.65 -5.56
N TYR B 131 24.75 24.37 -5.90
CA TYR B 131 26.02 23.67 -5.96
C TYR B 131 26.29 23.26 -7.38
N PRO B 132 27.58 23.24 -7.78
CA PRO B 132 27.93 22.88 -9.14
C PRO B 132 27.89 21.36 -9.38
N LEU B 133 27.99 20.96 -10.64
CA LEU B 133 28.10 19.56 -10.97
C LEU B 133 29.15 19.42 -12.05
N ALA B 134 30.38 19.14 -11.62
CA ALA B 134 31.45 18.87 -12.54
C ALA B 134 31.61 17.37 -12.66
N PRO B 135 32.02 16.91 -13.84
CA PRO B 135 32.61 15.59 -13.98
C PRO B 135 34.04 15.82 -13.45
N GLY B 136 34.68 14.89 -12.73
CA GLY B 136 34.73 13.46 -13.00
C GLY B 136 36.17 13.37 -13.52
N SER B 137 36.89 12.29 -13.23
CA SER B 137 38.24 12.14 -13.79
C SER B 137 38.23 11.22 -15.02
N ASN B 138 37.06 10.63 -15.31
CA ASN B 138 36.90 9.78 -16.49
C ASN B 138 36.81 10.72 -17.71
N ALA B 139 37.99 10.93 -18.31
CA ALA B 139 38.32 12.14 -19.08
C ALA B 139 37.95 12.04 -20.55
N ALA B 140 36.73 12.48 -20.88
CA ALA B 140 36.26 12.51 -22.27
C ALA B 140 37.27 13.26 -23.15
N SER B 141 38.15 12.50 -23.84
CA SER B 141 39.06 13.08 -24.83
C SER B 141 38.29 13.64 -26.01
N GLN B 142 36.98 13.76 -25.84
CA GLN B 142 36.02 13.76 -26.93
C GLN B 142 35.23 15.05 -27.03
N SER B 143 34.85 15.35 -28.27
CA SER B 143 33.97 16.45 -28.64
C SER B 143 33.48 17.24 -27.45
N MET B 144 32.51 16.68 -26.72
CA MET B 144 31.70 17.47 -25.81
C MET B 144 31.78 17.05 -24.36
N VAL B 145 31.16 17.86 -23.51
CA VAL B 145 31.26 17.73 -22.06
C VAL B 145 30.00 18.35 -21.44
N THR B 146 29.44 17.69 -20.43
CA THR B 146 28.24 18.18 -19.76
C THR B 146 28.56 18.56 -18.34
N LEU B 147 28.11 19.75 -17.95
CA LEU B 147 28.18 20.21 -16.54
C LEU B 147 26.94 20.98 -16.18
N GLY B 148 26.67 21.09 -14.87
CA GLY B 148 25.36 21.54 -14.41
C GLY B 148 25.35 22.06 -12.99
N CYS B 149 24.17 22.47 -12.52
CA CYS B 149 24.02 22.95 -11.15
C CYS B 149 22.82 22.35 -10.51
N LEU B 150 23.02 21.81 -9.31
CA LEU B 150 21.93 21.46 -8.43
C LEU B 150 21.43 22.76 -7.82
N VAL B 151 20.12 22.92 -7.81
CA VAL B 151 19.52 24.07 -7.14
C VAL B 151 18.68 23.51 -6.01
N LYS B 152 19.27 23.42 -4.82
CA LYS B 152 18.68 22.61 -3.76
C LYS B 152 17.99 23.45 -2.72
N GLY B 153 16.84 22.95 -2.27
CA GLY B 153 16.26 23.35 -1.01
C GLY B 153 15.72 24.76 -1.01
N TYR B 154 14.85 25.03 -1.97
CA TYR B 154 14.28 26.36 -2.15
C TYR B 154 12.78 26.21 -2.14
N PHE B 155 12.12 27.29 -1.77
CA PHE B 155 10.67 27.31 -1.66
C PHE B 155 10.13 28.73 -1.53
N PRO B 156 9.09 29.07 -2.29
CA PRO B 156 8.33 28.21 -3.14
C PRO B 156 8.81 28.19 -4.59
N GLU B 157 8.00 27.58 -5.43
CA GLU B 157 8.24 27.56 -6.84
C GLU B 157 7.99 28.96 -7.39
N PRO B 158 8.71 29.35 -8.44
CA PRO B 158 9.84 28.74 -9.06
C PRO B 158 11.10 29.51 -8.86
N VAL B 159 12.19 28.91 -9.34
CA VAL B 159 13.43 29.59 -9.62
C VAL B 159 13.60 29.51 -11.11
N THR B 160 14.58 30.22 -11.63
CA THR B 160 14.89 30.15 -13.05
C THR B 160 16.38 30.30 -13.26
N VAL B 161 16.92 29.39 -14.06
CA VAL B 161 18.33 29.26 -14.28
C VAL B 161 18.70 29.68 -15.69
N THR B 162 19.79 30.40 -15.84
CA THR B 162 20.38 30.61 -17.14
C THR B 162 21.90 30.45 -17.07
N TRP B 163 22.53 30.28 -18.21
CA TRP B 163 23.95 30.00 -18.30
C TRP B 163 24.70 31.10 -19.02
N ASN B 164 25.57 31.79 -18.29
CA ASN B 164 26.26 33.01 -18.75
C ASN B 164 25.26 34.09 -19.16
N SER B 165 24.12 34.05 -18.48
CA SER B 165 23.00 34.96 -18.69
C SER B 165 22.35 34.88 -20.09
N GLY B 166 22.60 33.78 -20.81
CA GLY B 166 22.08 33.63 -22.17
C GLY B 166 23.14 33.51 -23.27
N SER B 167 24.37 33.97 -22.99
CA SER B 167 25.52 33.76 -23.89
C SER B 167 25.49 32.35 -24.43
N LEU B 168 25.46 31.41 -23.48
CA LEU B 168 25.32 29.98 -23.76
C LEU B 168 23.85 29.61 -23.50
N SER B 169 23.23 29.15 -24.58
CA SER B 169 21.81 28.85 -24.61
C SER B 169 21.50 27.56 -25.37
N SER B 170 22.32 27.20 -26.36
CA SER B 170 22.14 25.95 -27.08
C SER B 170 22.47 24.78 -26.14
N GLY B 171 21.72 23.70 -26.27
CA GLY B 171 21.97 22.49 -25.49
C GLY B 171 22.02 22.70 -23.99
N VAL B 172 21.16 23.61 -23.50
CA VAL B 172 20.92 23.74 -22.05
C VAL B 172 19.68 22.91 -21.73
N HIS B 173 19.70 22.20 -20.61
CA HIS B 173 18.53 21.45 -20.17
C HIS B 173 18.25 21.75 -18.72
N THR B 174 17.08 22.31 -18.43
CA THR B 174 16.61 22.43 -17.05
C THR B 174 15.55 21.39 -16.85
N PHE B 175 15.54 20.79 -15.65
CA PHE B 175 14.60 19.72 -15.30
C PHE B 175 13.54 20.17 -14.28
N PRO B 176 12.45 19.42 -14.17
CA PRO B 176 11.41 19.74 -13.21
C PRO B 176 11.91 19.73 -11.79
N ALA B 177 11.42 20.65 -10.98
CA ALA B 177 11.68 20.60 -9.55
C ALA B 177 10.99 19.37 -9.00
N VAL B 178 11.49 18.90 -7.85
CA VAL B 178 10.89 17.79 -7.11
C VAL B 178 10.78 18.21 -5.65
N LEU B 179 9.72 17.75 -4.99
CA LEU B 179 9.48 18.15 -3.62
C LEU B 179 10.17 17.16 -2.70
N GLN B 180 11.14 17.68 -1.95
CA GLN B 180 12.05 16.88 -1.12
C GLN B 180 12.00 17.37 0.31
N SER B 181 11.23 16.67 1.15
CA SER B 181 11.14 16.98 2.59
C SER B 181 10.80 18.47 2.84
N ASP B 182 9.63 18.88 2.34
CA ASP B 182 9.14 20.28 2.42
C ASP B 182 9.77 21.28 1.45
N LEU B 183 10.95 20.98 0.87
CA LEU B 183 11.63 21.91 -0.03
C LEU B 183 11.86 21.36 -1.44
N TYR B 184 11.77 22.26 -2.41
CA TYR B 184 11.96 21.90 -3.80
C TYR B 184 13.42 21.88 -4.17
N THR B 185 13.69 21.09 -5.21
CA THR B 185 15.00 20.88 -5.74
C THR B 185 14.84 20.56 -7.21
N LEU B 186 15.68 21.17 -8.04
CA LEU B 186 15.76 20.84 -9.45
C LEU B 186 17.20 20.96 -9.89
N THR B 187 17.45 20.72 -11.17
CA THR B 187 18.78 20.92 -11.73
C THR B 187 18.74 21.33 -13.14
N SER B 188 19.87 21.85 -13.60
CA SER B 188 20.08 22.19 -14.99
C SER B 188 21.50 21.81 -15.41
N SER B 189 21.60 21.32 -16.63
CA SER B 189 22.86 20.94 -17.24
C SER B 189 23.09 21.82 -18.45
N VAL B 190 24.23 21.62 -19.10
CA VAL B 190 24.53 22.31 -20.34
C VAL B 190 25.74 21.66 -20.98
N THR B 191 25.64 21.42 -22.27
CA THR B 191 26.61 20.60 -22.95
C THR B 191 27.39 21.45 -23.94
N VAL B 192 28.66 21.67 -23.63
CA VAL B 192 29.60 22.41 -24.46
C VAL B 192 30.60 21.44 -25.10
N PRO B 193 31.49 21.93 -25.99
CA PRO B 193 32.64 21.16 -26.49
C PRO B 193 33.89 21.19 -25.58
N SER B 194 34.83 20.27 -25.81
CA SER B 194 35.96 20.00 -24.90
C SER B 194 36.89 21.19 -24.69
N SER B 195 37.42 21.72 -25.79
CA SER B 195 38.35 22.84 -25.77
C SER B 195 37.85 24.06 -25.00
N THR B 196 36.57 24.34 -25.14
CA THR B 196 35.94 25.55 -24.58
C THR B 196 35.78 25.53 -23.05
N TRP B 197 36.13 24.43 -22.40
CA TRP B 197 36.12 24.35 -20.95
C TRP B 197 37.14 23.33 -20.46
N PRO B 198 37.78 23.60 -19.31
CA PRO B 198 37.72 24.81 -18.48
C PRO B 198 38.41 26.06 -19.06
N SER B 199 38.81 26.01 -20.32
CA SER B 199 39.35 27.17 -21.05
C SER B 199 38.67 28.48 -20.65
N GLN B 200 37.37 28.53 -20.94
CA GLN B 200 36.52 29.66 -20.66
C GLN B 200 35.57 29.28 -19.55
N THR B 201 35.45 30.17 -18.56
CA THR B 201 34.62 29.91 -17.41
C THR B 201 33.20 29.74 -17.89
N VAL B 202 32.46 28.86 -17.24
CA VAL B 202 31.06 28.65 -17.54
C VAL B 202 30.31 28.73 -16.22
N THR B 203 29.41 29.69 -16.13
CA THR B 203 28.65 29.93 -14.88
C THR B 203 27.16 29.76 -15.14
N CYS B 204 26.45 29.23 -14.15
CA CYS B 204 25.01 29.27 -14.19
C CYS B 204 24.52 30.32 -13.23
N ASN B 205 23.45 30.98 -13.68
CA ASN B 205 22.80 32.07 -13.01
C ASN B 205 21.47 31.55 -12.56
N VAL B 206 21.19 31.64 -11.27
CA VAL B 206 19.99 31.08 -10.71
C VAL B 206 19.25 32.13 -9.91
N ALA B 207 18.03 32.47 -10.34
CA ALA B 207 17.23 33.52 -9.73
C ALA B 207 16.05 32.88 -9.01
N HIS B 208 15.83 33.27 -7.76
CA HIS B 208 14.68 32.84 -6.97
C HIS B 208 13.89 34.08 -6.48
N PRO B 209 12.87 34.48 -7.25
CA PRO B 209 11.87 35.51 -6.96
C PRO B 209 11.50 35.69 -5.49
N ALA B 210 10.85 34.71 -4.90
CA ALA B 210 10.20 34.86 -3.61
C ALA B 210 11.15 35.30 -2.49
N SER B 211 12.42 34.93 -2.60
CA SER B 211 13.43 35.33 -1.63
C SER B 211 14.22 36.57 -2.08
N SER B 212 13.87 37.06 -3.26
CA SER B 212 14.49 38.24 -3.84
C SER B 212 15.96 38.02 -4.00
N THR B 213 16.36 36.76 -4.16
CA THR B 213 17.76 36.41 -4.22
C THR B 213 18.14 36.03 -5.65
N LYS B 214 19.43 36.08 -5.94
CA LYS B 214 19.97 35.58 -7.20
C LYS B 214 21.49 35.44 -7.13
N VAL B 215 21.95 34.21 -7.39
CA VAL B 215 23.32 33.77 -7.19
C VAL B 215 23.88 33.27 -8.54
N ASP B 216 25.20 33.36 -8.69
CA ASP B 216 25.92 32.71 -9.81
C ASP B 216 26.95 31.75 -9.27
N LYS B 217 27.14 30.60 -9.93
CA LYS B 217 28.15 29.63 -9.49
C LYS B 217 29.11 29.20 -10.62
N LYS B 218 30.38 29.58 -10.51
CA LYS B 218 31.43 29.20 -11.46
C LYS B 218 31.64 27.70 -11.34
N ILE B 219 31.60 27.02 -12.47
CA ILE B 219 31.78 25.59 -12.45
C ILE B 219 33.26 25.28 -12.61
N VAL B 220 33.89 24.89 -11.50
CA VAL B 220 35.33 24.60 -11.49
C VAL B 220 35.56 23.09 -11.64
N PRO B 221 36.59 22.68 -12.42
CA PRO B 221 37.01 21.28 -12.46
C PRO B 221 37.25 20.69 -11.07
N ARG B 222 37.15 19.36 -10.95
CA ARG B 222 37.31 18.67 -9.67
C ARG B 222 38.78 18.58 -9.26
N GLN C 1 9.87 -0.25 0.10
CA GLN C 1 8.98 -0.60 -1.07
C GLN C 1 9.52 -1.72 -1.99
N ALA C 2 10.19 -2.69 -1.39
CA ALA C 2 10.41 -3.93 -2.08
C ALA C 2 9.21 -4.78 -1.71
N VAL C 3 8.95 -5.81 -2.48
CA VAL C 3 8.00 -6.79 -2.05
C VAL C 3 8.78 -8.09 -1.95
N VAL C 4 9.02 -8.50 -0.71
CA VAL C 4 9.63 -9.77 -0.39
C VAL C 4 8.54 -10.80 -0.35
N THR C 5 8.75 -11.90 -1.05
CA THR C 5 7.68 -12.83 -1.32
C THR C 5 8.02 -14.21 -0.82
N GLN C 6 7.14 -14.78 -0.01
CA GLN C 6 7.32 -16.14 0.46
C GLN C 6 6.15 -17.03 0.12
N GLU C 7 6.41 -18.33 -0.04
CA GLU C 7 5.33 -19.31 -0.12
C GLU C 7 4.36 -19.10 1.05
N SER C 8 3.09 -19.09 0.72
CA SER C 8 2.09 -18.71 1.66
C SER C 8 2.03 -19.70 2.81
N ALA C 9 1.88 -20.98 2.46
CA ALA C 9 1.91 -22.09 3.40
C ALA C 9 2.76 -23.22 2.80
N LEU C 10 3.10 -24.22 3.61
CA LEU C 10 3.87 -25.39 3.19
C LEU C 10 3.66 -26.57 4.15
N THR C 11 3.60 -27.80 3.62
CA THR C 11 3.49 -28.96 4.51
C THR C 11 4.64 -29.93 4.32
N THR C 12 5.09 -30.48 5.44
CA THR C 12 6.07 -31.52 5.45
C THR C 12 5.51 -32.67 6.32
N SER C 13 6.29 -33.71 6.53
CA SER C 13 6.03 -34.68 7.60
C SER C 13 7.34 -35.05 8.29
N PRO C 14 7.24 -35.53 9.53
CA PRO C 14 8.48 -35.54 10.28
C PRO C 14 9.53 -36.42 9.63
N GLY C 15 10.78 -36.00 9.75
CA GLY C 15 11.90 -36.70 9.12
C GLY C 15 12.26 -36.13 7.78
N GLU C 16 11.28 -35.60 7.06
CA GLU C 16 11.52 -35.03 5.75
C GLU C 16 12.28 -33.71 5.78
N THR C 17 12.79 -33.32 4.61
CA THR C 17 13.34 -31.98 4.37
C THR C 17 12.28 -31.03 3.85
N VAL C 18 12.52 -29.72 4.02
CA VAL C 18 11.74 -28.70 3.33
C VAL C 18 12.57 -27.46 3.17
N THR C 19 12.37 -26.79 2.06
CA THR C 19 12.98 -25.49 1.88
C THR C 19 11.94 -24.39 1.73
N LEU C 20 12.10 -23.33 2.51
CA LEU C 20 11.28 -22.17 2.32
C LEU C 20 12.08 -21.12 1.56
N THR C 21 11.57 -20.67 0.43
CA THR C 21 12.20 -19.58 -0.30
C THR C 21 11.66 -18.21 0.10
N CYS C 22 12.25 -17.21 -0.53
CA CYS C 22 11.99 -15.84 -0.25
C CYS C 22 12.73 -15.05 -1.31
N ARG C 23 11.98 -14.32 -2.14
CA ARG C 23 12.57 -13.67 -3.29
C ARG C 23 12.18 -12.24 -3.36
N SER C 24 12.98 -11.45 -4.04
CA SER C 24 12.76 -10.01 -4.08
C SER C 24 12.08 -9.58 -5.36
N SER C 25 11.22 -8.57 -5.25
CA SER C 25 10.60 -7.89 -6.41
C SER C 25 11.70 -7.19 -7.21
N THR C 26 12.68 -6.69 -6.49
CA THR C 26 13.82 -6.03 -7.05
C THR C 26 14.73 -6.89 -7.91
N GLY C 27 14.42 -8.18 -8.05
CA GLY C 27 15.17 -9.03 -8.97
C GLY C 27 15.87 -10.17 -8.27
N ALA C 28 17.19 -10.14 -8.21
CA ALA C 28 17.94 -11.17 -7.53
C ALA C 28 18.20 -10.70 -6.13
N VAL C 29 18.36 -11.61 -5.18
CA VAL C 29 18.80 -11.23 -3.83
C VAL C 29 20.34 -11.22 -3.79
N THR C 30 20.88 -10.21 -3.13
CA THR C 30 22.30 -10.06 -2.97
C THR C 30 22.72 -10.41 -1.55
N THR C 31 23.95 -10.86 -1.44
CA THR C 31 24.62 -11.03 -0.18
C THR C 31 24.43 -9.85 0.73
N ARG C 32 24.29 -8.65 0.16
CA ARG C 32 24.12 -7.48 1.02
C ARG C 32 22.71 -7.19 1.39
N ASN C 33 21.79 -8.11 1.11
CA ASN C 33 20.49 -7.97 1.70
C ASN C 33 20.51 -8.65 3.04
N TYR C 34 21.57 -9.40 3.31
CA TYR C 34 21.77 -9.96 4.64
C TYR C 34 20.55 -10.77 5.10
N ALA C 35 20.02 -11.61 4.20
CA ALA C 35 18.82 -12.36 4.49
C ALA C 35 18.86 -12.94 5.91
N ASN C 36 17.97 -12.45 6.77
CA ASN C 36 17.67 -13.11 8.04
C ASN C 36 16.49 -14.08 7.91
N TRP C 37 16.29 -14.89 8.93
CA TRP C 37 15.03 -15.60 9.08
C TRP C 37 14.63 -15.67 10.54
N VAL C 38 13.32 -15.66 10.75
CA VAL C 38 12.74 -15.55 12.08
C VAL C 38 11.54 -16.44 12.14
N GLN C 39 11.49 -17.24 13.17
CA GLN C 39 10.38 -18.15 13.38
C GLN C 39 9.38 -17.52 14.33
N GLU C 40 8.09 -17.61 14.01
CA GLU C 40 7.11 -17.21 14.99
C GLU C 40 6.37 -18.43 15.47
N LYS C 41 6.45 -18.68 16.76
CA LYS C 41 5.70 -19.77 17.35
C LYS C 41 4.50 -19.21 18.09
N PRO C 42 3.51 -20.07 18.34
CA PRO C 42 2.27 -19.63 18.96
C PRO C 42 2.54 -18.66 20.09
N ASP C 43 1.53 -17.82 20.34
CA ASP C 43 1.56 -16.82 21.39
C ASP C 43 2.71 -15.83 21.16
N HIS C 44 3.01 -15.56 19.88
CA HIS C 44 3.94 -14.49 19.56
C HIS C 44 5.28 -14.68 20.30
N PHE C 45 5.92 -15.83 20.06
CA PHE C 45 7.30 -16.02 20.48
C PHE C 45 8.14 -16.18 19.31
N PHE C 46 8.86 -15.12 19.03
CA PHE C 46 9.74 -15.07 17.89
C PHE C 46 11.07 -15.49 18.36
N THR C 47 11.78 -16.19 17.49
CA THR C 47 13.17 -16.46 17.75
C THR C 47 13.88 -16.25 16.44
N GLY C 48 15.00 -15.53 16.46
CA GLY C 48 15.86 -15.45 15.27
C GLY C 48 16.32 -16.83 14.87
N LEU C 49 16.59 -17.05 13.61
CA LEU C 49 17.13 -18.34 13.23
C LEU C 49 18.41 -18.17 12.45
N ILE C 50 18.35 -17.27 11.46
CA ILE C 50 19.48 -17.03 10.58
C ILE C 50 19.72 -15.52 10.40
N GLY C 51 21.01 -15.20 10.24
CA GLY C 51 21.46 -13.87 9.95
C GLY C 51 22.49 -13.97 8.83
N ASP C 52 22.92 -12.80 8.36
CA ASP C 52 23.82 -12.71 7.22
C ASP C 52 23.77 -13.92 6.32
N THR C 53 22.58 -14.16 5.73
CA THR C 53 22.34 -15.18 4.71
C THR C 53 22.40 -16.62 5.22
N ASN C 54 23.53 -17.01 5.77
CA ASN C 54 23.65 -18.37 6.22
C ASN C 54 24.15 -18.57 7.63
N ASN C 55 24.24 -17.54 8.45
CA ASN C 55 24.72 -17.68 9.83
C ASN C 55 23.70 -18.24 10.80
N ARG C 56 24.01 -19.31 11.48
CA ARG C 56 23.00 -19.84 12.38
C ARG C 56 23.14 -19.28 13.77
N ALA C 57 22.03 -18.93 14.37
CA ALA C 57 22.10 -18.28 15.67
C ALA C 57 22.40 -19.27 16.81
N PRO C 58 23.16 -18.80 17.80
CA PRO C 58 23.45 -19.56 19.00
C PRO C 58 22.20 -20.25 19.50
N GLY C 59 22.28 -21.55 19.72
CA GLY C 59 21.16 -22.28 20.26
C GLY C 59 20.34 -22.96 19.19
N VAL C 60 20.29 -22.39 17.98
CA VAL C 60 19.41 -22.95 16.96
C VAL C 60 19.97 -24.27 16.45
N PRO C 61 19.12 -25.29 16.32
CA PRO C 61 19.40 -26.65 15.80
C PRO C 61 20.08 -26.74 14.46
N ALA C 62 20.97 -27.70 14.29
CA ALA C 62 21.67 -27.85 13.04
C ALA C 62 20.75 -28.16 11.87
N ARG C 63 19.56 -28.73 12.11
CA ARG C 63 18.55 -28.95 11.06
C ARG C 63 18.31 -27.73 10.20
N PHE C 64 18.13 -26.60 10.88
CA PHE C 64 17.89 -25.33 10.25
C PHE C 64 19.16 -24.88 9.62
N SER C 65 19.10 -24.64 8.33
CA SER C 65 20.22 -24.14 7.57
C SER C 65 19.77 -23.00 6.65
N GLY C 66 20.64 -22.00 6.44
CA GLY C 66 20.28 -20.83 5.62
C GLY C 66 21.08 -20.76 4.33
N SER C 67 20.44 -20.38 3.21
CA SER C 67 21.13 -20.42 1.90
C SER C 67 20.85 -19.25 1.03
N LEU C 68 21.54 -19.18 -0.08
CA LEU C 68 21.27 -18.21 -1.13
C LEU C 68 21.44 -18.97 -2.43
N ILE C 69 20.32 -19.36 -3.01
CA ILE C 69 20.35 -20.23 -4.17
C ILE C 69 19.97 -19.36 -5.38
N GLY C 70 20.88 -19.19 -6.32
CA GLY C 70 20.66 -18.26 -7.37
C GLY C 70 20.18 -16.92 -6.83
N HIS C 71 18.99 -16.54 -7.24
CA HIS C 71 18.46 -15.21 -7.02
C HIS C 71 17.55 -15.12 -5.81
N LYS C 72 17.45 -16.17 -4.99
CA LYS C 72 16.57 -16.14 -3.84
C LYS C 72 17.18 -16.77 -2.62
N ALA C 73 16.92 -16.12 -1.48
CA ALA C 73 17.22 -16.61 -0.15
C ALA C 73 16.37 -17.83 0.10
N ALA C 74 16.89 -18.77 0.87
CA ALA C 74 16.11 -19.92 1.32
C ALA C 74 16.41 -20.28 2.79
N LEU C 75 15.63 -21.23 3.30
CA LEU C 75 15.81 -21.81 4.61
C LEU C 75 15.37 -23.28 4.46
N THR C 76 16.31 -24.21 4.63
CA THR C 76 16.01 -25.62 4.57
C THR C 76 16.00 -26.18 5.97
N ILE C 77 14.92 -26.83 6.33
CA ILE C 77 14.86 -27.64 7.53
C ILE C 77 15.10 -29.08 7.10
N THR C 78 16.14 -29.71 7.65
CA THR C 78 16.43 -31.08 7.25
C THR C 78 15.70 -32.14 8.05
N GLY C 79 15.99 -32.26 9.33
CA GLY C 79 15.30 -33.28 10.12
C GLY C 79 13.92 -32.92 10.62
N ALA C 80 13.00 -32.50 9.73
CA ALA C 80 11.74 -31.81 10.13
C ALA C 80 11.04 -32.45 11.31
N GLN C 81 10.79 -31.69 12.37
CA GLN C 81 10.13 -32.27 13.54
C GLN C 81 8.88 -31.50 13.90
N THR C 82 7.98 -32.11 14.67
CA THR C 82 6.69 -31.46 15.02
C THR C 82 6.87 -30.22 15.87
N GLU C 83 8.03 -30.10 16.50
CA GLU C 83 8.42 -28.84 17.10
C GLU C 83 8.44 -27.68 16.12
N ASP C 84 8.53 -27.97 14.82
CA ASP C 84 8.84 -26.94 13.79
C ASP C 84 7.64 -26.34 13.07
N GLU C 85 6.46 -26.93 13.24
CA GLU C 85 5.19 -26.32 12.81
C GLU C 85 5.20 -24.91 13.37
N SER C 86 5.08 -23.94 12.50
CA SER C 86 5.44 -22.60 12.89
C SER C 86 5.27 -21.69 11.72
N VAL C 87 5.48 -20.40 11.93
CA VAL C 87 5.43 -19.45 10.84
C VAL C 87 6.79 -18.84 10.73
N TYR C 88 7.35 -18.88 9.52
CA TYR C 88 8.68 -18.35 9.28
C TYR C 88 8.60 -17.11 8.41
N PHE C 89 9.31 -16.04 8.83
CA PHE C 89 9.45 -14.81 8.05
C PHE C 89 10.91 -14.61 7.62
N CYS C 90 11.19 -14.46 6.33
CA CYS C 90 12.51 -13.99 5.97
C CYS C 90 12.41 -12.47 6.02
N ALA C 91 13.55 -11.76 6.03
CA ALA C 91 13.56 -10.30 6.07
C ALA C 91 14.81 -9.88 5.39
N LEU C 92 14.75 -8.87 4.52
CA LEU C 92 15.93 -8.38 3.79
C LEU C 92 16.27 -6.90 4.02
N TRP C 93 17.54 -6.56 3.85
CA TRP C 93 17.98 -5.21 4.07
C TRP C 93 18.24 -4.52 2.74
N TYR C 94 17.67 -3.31 2.57
CA TYR C 94 17.84 -2.54 1.35
C TYR C 94 18.43 -1.18 1.66
N SER C 95 19.67 -1.18 2.09
CA SER C 95 20.48 0.03 2.32
C SER C 95 20.07 0.93 3.42
N ASN C 96 18.80 0.94 3.78
CA ASN C 96 18.39 1.78 4.88
C ASN C 96 17.15 1.32 5.59
N HIS C 97 16.69 0.12 5.32
CA HIS C 97 15.54 -0.39 6.01
C HIS C 97 15.44 -1.88 5.83
N TRP C 98 14.69 -2.47 6.74
CA TRP C 98 14.49 -3.89 6.69
C TRP C 98 13.11 -4.05 6.20
N VAL C 99 12.86 -5.12 5.45
CA VAL C 99 11.50 -5.42 5.01
C VAL C 99 11.29 -6.90 5.18
N PHE C 100 10.16 -7.26 5.77
CA PHE C 100 9.86 -8.68 6.00
C PHE C 100 9.03 -9.28 4.87
N GLY C 101 9.18 -10.57 4.65
CA GLY C 101 8.24 -11.28 3.81
C GLY C 101 6.94 -11.37 4.58
N GLY C 102 5.94 -11.98 3.98
CA GLY C 102 4.65 -12.15 4.64
C GLY C 102 4.61 -13.46 5.39
N GLY C 103 5.68 -14.24 5.30
CA GLY C 103 5.80 -15.47 6.06
C GLY C 103 5.23 -16.68 5.37
N THR C 104 5.71 -17.86 5.80
CA THR C 104 5.22 -19.15 5.35
C THR C 104 4.78 -19.90 6.57
N LYS C 105 3.52 -20.36 6.63
CA LYS C 105 3.15 -21.25 7.72
C LYS C 105 3.61 -22.63 7.33
N LEU C 106 4.36 -23.28 8.21
CA LEU C 106 4.75 -24.66 7.99
C LEU C 106 3.86 -25.50 8.82
N THR C 107 3.44 -26.59 8.24
CA THR C 107 2.58 -27.50 8.90
C THR C 107 3.26 -28.84 8.79
N VAL C 108 3.56 -29.43 9.92
CA VAL C 108 4.17 -30.74 9.95
C VAL C 108 3.06 -31.74 10.19
N LEU C 109 2.51 -32.28 9.11
CA LEU C 109 1.36 -33.18 9.17
C LEU C 109 1.39 -34.17 10.37
N GLY C 110 0.35 -34.16 11.25
CA GLY C 110 0.20 -35.09 12.41
C GLY C 110 -1.17 -35.73 12.55
N GLN C 111 -1.95 -35.73 11.48
CA GLN C 111 -3.28 -36.31 11.43
C GLN C 111 -3.89 -36.11 10.04
N PRO C 112 -4.68 -37.09 9.55
CA PRO C 112 -5.23 -37.03 8.19
C PRO C 112 -5.95 -35.71 7.90
N LYS C 113 -5.96 -35.32 6.63
CA LYS C 113 -6.48 -34.02 6.23
C LYS C 113 -8.00 -34.06 6.30
N SER C 114 -8.60 -33.01 6.85
CA SER C 114 -10.05 -32.89 6.95
C SER C 114 -10.46 -31.63 6.24
N SER C 115 -11.54 -31.71 5.48
CA SER C 115 -12.04 -30.56 4.71
C SER C 115 -13.13 -29.81 5.46
N PRO C 116 -13.18 -28.49 5.27
CA PRO C 116 -13.99 -27.57 6.09
C PRO C 116 -15.50 -27.74 5.98
N SER C 117 -16.20 -27.43 7.09
CA SER C 117 -17.66 -27.40 7.16
C SER C 117 -18.17 -25.96 7.15
N VAL C 118 -18.45 -25.48 5.95
CA VAL C 118 -18.87 -24.10 5.72
C VAL C 118 -20.35 -23.98 6.02
N THR C 119 -20.74 -22.84 6.59
CA THR C 119 -22.13 -22.56 6.91
C THR C 119 -22.42 -21.08 6.78
N LEU C 120 -23.29 -20.76 5.82
CA LEU C 120 -23.61 -19.37 5.51
C LEU C 120 -24.88 -18.95 6.26
N PHE C 121 -24.89 -17.70 6.73
CA PHE C 121 -26.02 -17.22 7.49
C PHE C 121 -26.56 -15.94 6.88
N PRO C 122 -27.88 -15.88 6.65
CA PRO C 122 -28.44 -14.61 6.26
C PRO C 122 -28.45 -13.67 7.46
N PRO C 123 -28.62 -12.35 7.21
CA PRO C 123 -28.88 -11.38 8.28
C PRO C 123 -30.20 -11.59 8.99
N SER C 124 -30.18 -11.51 10.32
CA SER C 124 -31.41 -11.48 11.08
C SER C 124 -32.17 -10.20 10.74
N SER C 125 -33.49 -10.30 10.72
CA SER C 125 -34.32 -9.14 10.46
C SER C 125 -34.07 -8.09 11.51
N GLU C 126 -33.93 -8.53 12.75
CA GLU C 126 -33.66 -7.64 13.86
C GLU C 126 -32.45 -6.74 13.59
N GLU C 127 -31.42 -7.32 12.94
CA GLU C 127 -30.25 -6.56 12.56
C GLU C 127 -30.67 -5.62 11.46
N LEU C 128 -31.34 -6.16 10.45
CA LEU C 128 -31.80 -5.35 9.32
C LEU C 128 -32.50 -4.11 9.84
N GLU C 129 -33.28 -4.29 10.90
CA GLU C 129 -34.02 -3.19 11.52
C GLU C 129 -33.16 -2.07 12.12
N THR C 130 -31.83 -2.20 12.07
CA THR C 130 -30.93 -1.15 12.54
C THR C 130 -30.19 -0.44 11.41
N ASN C 131 -30.66 -0.68 10.18
CA ASN C 131 -30.06 -0.14 8.95
C ASN C 131 -28.81 -0.89 8.47
N LYS C 132 -28.53 -2.05 9.05
CA LYS C 132 -27.31 -2.80 8.71
C LYS C 132 -27.53 -4.30 8.53
N ALA C 133 -26.63 -4.91 7.77
CA ALA C 133 -26.72 -6.33 7.45
C ALA C 133 -25.35 -6.97 7.50
N THR C 134 -25.30 -8.20 8.00
CA THR C 134 -24.05 -8.93 8.06
C THR C 134 -24.28 -10.39 7.79
N LEU C 135 -23.57 -10.90 6.78
CA LEU C 135 -23.58 -12.33 6.51
C LEU C 135 -22.45 -12.98 7.29
N VAL C 136 -22.64 -14.24 7.68
CA VAL C 136 -21.68 -14.96 8.49
C VAL C 136 -21.37 -16.28 7.82
N CYS C 137 -20.06 -16.54 7.72
CA CYS C 137 -19.54 -17.73 7.14
C CYS C 137 -18.72 -18.40 8.21
N THR C 138 -19.08 -19.61 8.58
CA THR C 138 -18.38 -20.25 9.68
C THR C 138 -17.66 -21.46 9.14
N ILE C 139 -16.34 -21.43 9.14
CA ILE C 139 -15.60 -22.61 8.71
C ILE C 139 -15.05 -23.37 9.91
N THR C 140 -15.28 -24.68 9.95
CA THR C 140 -14.87 -25.50 11.08
C THR C 140 -14.40 -26.87 10.61
N ASP C 141 -13.53 -27.50 11.42
CA ASP C 141 -13.07 -28.89 11.25
C ASP C 141 -12.27 -29.18 10.00
N PHE C 142 -11.16 -28.47 9.86
CA PHE C 142 -10.26 -28.64 8.72
C PHE C 142 -8.79 -28.74 9.16
N TYR C 143 -8.04 -29.54 8.43
CA TYR C 143 -6.65 -29.76 8.72
C TYR C 143 -6.01 -30.09 7.39
N PRO C 144 -4.83 -29.54 7.13
CA PRO C 144 -4.15 -28.48 7.86
C PRO C 144 -5.01 -27.23 7.99
N GLY C 145 -4.63 -26.38 8.93
CA GLY C 145 -5.37 -25.15 9.24
C GLY C 145 -5.02 -23.95 8.36
N VAL C 146 -5.10 -24.13 7.06
CA VAL C 146 -4.88 -23.05 6.12
C VAL C 146 -6.11 -22.97 5.21
N VAL C 147 -6.71 -21.80 5.15
CA VAL C 147 -7.78 -21.56 4.18
C VAL C 147 -7.72 -20.15 3.64
N THR C 148 -8.24 -20.01 2.42
CA THR C 148 -8.58 -18.71 1.91
C THR C 148 -10.11 -18.70 1.78
N VAL C 149 -10.71 -17.53 1.99
CA VAL C 149 -12.15 -17.36 2.01
C VAL C 149 -12.42 -16.19 1.09
N ASP C 150 -13.13 -16.42 0.00
CA ASP C 150 -13.49 -15.31 -0.90
C ASP C 150 -14.99 -15.12 -0.99
N TRP C 151 -15.44 -13.87 -0.97
CA TRP C 151 -16.86 -13.62 -1.17
C TRP C 151 -17.23 -13.13 -2.57
N LYS C 152 -18.47 -13.47 -2.95
CA LYS C 152 -19.06 -13.02 -4.18
C LYS C 152 -20.49 -12.57 -3.96
N VAL C 153 -20.78 -11.37 -4.42
CA VAL C 153 -22.15 -10.87 -4.48
C VAL C 153 -22.50 -10.57 -5.93
N ASP C 154 -23.60 -11.19 -6.37
CA ASP C 154 -24.13 -11.11 -7.74
C ASP C 154 -23.11 -11.53 -8.77
N GLY C 155 -22.47 -12.66 -8.54
CA GLY C 155 -21.55 -13.20 -9.52
C GLY C 155 -20.17 -12.61 -9.43
N THR C 156 -20.07 -11.35 -9.02
CA THR C 156 -18.79 -10.69 -8.97
C THR C 156 -18.17 -10.81 -7.60
N PRO C 157 -16.85 -10.59 -7.52
CA PRO C 157 -16.17 -10.72 -6.26
C PRO C 157 -16.27 -9.45 -5.42
N VAL C 158 -16.03 -9.64 -4.13
CA VAL C 158 -16.04 -8.58 -3.14
C VAL C 158 -14.62 -8.45 -2.59
N THR C 159 -14.11 -7.24 -2.46
CA THR C 159 -12.81 -7.07 -1.85
C THR C 159 -12.75 -5.96 -0.80
N GLN C 160 -13.91 -5.47 -0.39
CA GLN C 160 -13.96 -4.54 0.72
C GLN C 160 -15.30 -4.75 1.37
N GLY C 161 -15.32 -5.03 2.66
CA GLY C 161 -16.56 -5.31 3.39
C GLY C 161 -16.54 -6.67 4.08
N MET C 162 -15.51 -7.46 3.77
CA MET C 162 -15.29 -8.78 4.37
C MET C 162 -14.20 -8.66 5.41
N GLU C 163 -14.30 -9.50 6.43
CA GLU C 163 -13.24 -9.74 7.42
C GLU C 163 -13.17 -11.23 7.66
N THR C 164 -11.97 -11.77 7.83
CA THR C 164 -11.84 -13.18 8.20
C THR C 164 -10.84 -13.39 9.35
N THR C 165 -11.32 -14.02 10.42
CA THR C 165 -10.50 -14.35 11.57
C THR C 165 -9.49 -15.39 11.11
N GLN C 166 -8.24 -15.30 11.56
CA GLN C 166 -7.26 -16.33 11.20
C GLN C 166 -7.60 -17.61 11.95
N PRO C 167 -7.37 -18.78 11.32
CA PRO C 167 -7.88 -20.02 11.89
C PRO C 167 -7.33 -20.25 13.27
N SER C 168 -8.10 -20.87 14.14
CA SER C 168 -7.66 -21.20 15.49
C SER C 168 -7.95 -22.67 15.78
N LYS C 169 -7.32 -23.20 16.82
CA LYS C 169 -7.45 -24.61 17.10
C LYS C 169 -8.71 -24.88 17.87
N GLN C 170 -9.25 -26.08 17.68
CA GLN C 170 -10.40 -26.57 18.39
C GLN C 170 -9.92 -27.72 19.25
N SER C 171 -10.57 -27.97 20.37
CA SER C 171 -10.18 -29.06 21.30
C SER C 171 -9.72 -30.36 20.61
N ASN C 172 -10.34 -30.68 19.48
CA ASN C 172 -9.97 -31.85 18.66
C ASN C 172 -8.75 -31.62 17.75
N ASN C 173 -8.07 -30.49 17.97
CA ASN C 173 -6.87 -30.08 17.23
C ASN C 173 -7.04 -29.86 15.75
N LYS C 174 -8.29 -29.83 15.27
CA LYS C 174 -8.57 -29.31 13.93
C LYS C 174 -8.78 -27.80 14.05
N TYR C 175 -9.11 -27.15 12.95
CA TYR C 175 -9.16 -25.69 12.93
C TYR C 175 -10.55 -25.14 12.66
N MET C 176 -10.74 -23.87 12.98
CA MET C 176 -12.01 -23.18 12.74
C MET C 176 -11.75 -21.73 12.38
N ALA C 177 -12.59 -21.18 11.51
CA ALA C 177 -12.46 -19.77 11.07
C ALA C 177 -13.82 -19.18 10.85
N SER C 178 -13.89 -17.86 10.83
CA SER C 178 -15.16 -17.18 10.63
C SER C 178 -14.98 -16.00 9.68
N SER C 179 -15.96 -15.74 8.82
CA SER C 179 -15.91 -14.62 7.88
C SER C 179 -17.18 -13.77 7.95
N TYR C 180 -16.98 -12.46 7.91
CA TYR C 180 -18.06 -11.50 8.06
C TYR C 180 -18.14 -10.56 6.90
N LEU C 181 -19.20 -10.69 6.11
CA LEU C 181 -19.53 -9.69 5.10
C LEU C 181 -20.52 -8.66 5.64
N THR C 182 -20.13 -7.40 5.53
CA THR C 182 -20.89 -6.25 6.01
C THR C 182 -21.38 -5.39 4.86
N LEU C 183 -22.65 -4.99 4.95
CA LEU C 183 -23.27 -4.06 4.00
C LEU C 183 -24.46 -3.38 4.70
N THR C 184 -24.93 -2.28 4.12
CA THR C 184 -26.03 -1.55 4.74
C THR C 184 -27.33 -2.23 4.37
N ALA C 185 -28.40 -1.84 5.05
CA ALA C 185 -29.72 -2.39 4.82
C ALA C 185 -30.12 -2.28 3.34
N GLY C 186 -29.86 -1.11 2.75
CA GLY C 186 -30.06 -0.91 1.32
C GLY C 186 -29.39 -1.99 0.50
N ALA C 187 -28.07 -2.03 0.52
CA ALA C 187 -27.28 -2.93 -0.33
C ALA C 187 -27.83 -4.34 -0.30
N TRP C 188 -28.05 -4.84 0.90
CA TRP C 188 -28.67 -6.15 1.11
C TRP C 188 -29.79 -6.39 0.11
N GLU C 189 -30.68 -5.40 0.01
CA GLU C 189 -31.88 -5.50 -0.77
C GLU C 189 -31.70 -5.18 -2.23
N ARG C 190 -30.51 -4.76 -2.62
CA ARG C 190 -30.28 -4.45 -4.02
C ARG C 190 -29.73 -5.65 -4.77
N HIS C 191 -29.20 -6.63 -4.05
CA HIS C 191 -28.50 -7.74 -4.67
C HIS C 191 -29.31 -9.00 -4.48
N SER C 192 -28.83 -10.13 -4.97
CA SER C 192 -29.55 -11.40 -4.82
C SER C 192 -28.64 -12.57 -4.51
N SER C 193 -27.65 -12.81 -5.39
CA SER C 193 -26.65 -13.85 -5.14
C SER C 193 -25.61 -13.40 -4.13
N TYR C 194 -25.52 -14.16 -3.04
CA TYR C 194 -24.52 -13.96 -2.02
C TYR C 194 -23.80 -15.27 -1.87
N SER C 195 -22.48 -15.24 -1.97
CA SER C 195 -21.72 -16.46 -1.95
C SER C 195 -20.51 -16.30 -1.07
N CYS C 196 -20.23 -17.36 -0.30
CA CYS C 196 -19.02 -17.45 0.52
C CYS C 196 -18.23 -18.68 0.06
N GLN C 197 -16.99 -18.47 -0.35
CA GLN C 197 -16.19 -19.54 -0.94
C GLN C 197 -14.94 -19.77 -0.11
N VAL C 198 -14.76 -21.02 0.29
CA VAL C 198 -13.67 -21.37 1.18
C VAL C 198 -12.79 -22.36 0.46
N THR C 199 -11.51 -22.08 0.34
CA THR C 199 -10.62 -23.01 -0.32
C THR C 199 -9.60 -23.57 0.64
N HIS C 200 -9.36 -24.87 0.47
CA HIS C 200 -8.54 -25.67 1.37
C HIS C 200 -7.88 -26.81 0.63
N GLU C 201 -6.55 -26.84 0.64
CA GLU C 201 -5.76 -27.80 -0.14
C GLU C 201 -6.14 -27.84 -1.61
N GLY C 202 -6.35 -26.65 -2.18
CA GLY C 202 -6.71 -26.52 -3.59
C GLY C 202 -8.02 -27.17 -3.96
N HIS C 203 -8.95 -27.19 -3.02
CA HIS C 203 -10.30 -27.62 -3.28
C HIS C 203 -11.19 -26.60 -2.62
N THR C 204 -12.08 -26.00 -3.40
CA THR C 204 -13.00 -24.99 -2.89
C THR C 204 -14.30 -25.65 -2.53
N VAL C 205 -14.87 -25.20 -1.43
CA VAL C 205 -16.19 -25.60 -0.97
C VAL C 205 -16.92 -24.30 -0.85
N GLU C 206 -18.14 -24.25 -1.39
CA GLU C 206 -18.86 -23.02 -1.54
C GLU C 206 -20.25 -23.11 -0.95
N LYS C 207 -20.71 -22.02 -0.36
CA LYS C 207 -22.10 -21.92 0.03
C LYS C 207 -22.58 -20.60 -0.49
N SER C 208 -23.79 -20.55 -1.01
CA SER C 208 -24.40 -19.30 -1.40
C SER C 208 -25.82 -19.31 -0.95
N LEU C 209 -26.36 -18.13 -0.68
CA LEU C 209 -27.77 -17.96 -0.37
C LEU C 209 -28.36 -16.90 -1.27
N SER C 210 -29.61 -17.14 -1.68
CA SER C 210 -30.31 -16.22 -2.55
C SER C 210 -31.49 -15.59 -1.79
N ARG C 211 -31.69 -14.30 -1.97
CA ARG C 211 -32.67 -13.55 -1.18
C ARG C 211 -34.08 -13.76 -1.70
N GLN D 1 19.20 -14.84 30.31
CA GLN D 1 19.16 -13.66 31.23
C GLN D 1 19.20 -12.34 30.46
N VAL D 2 19.03 -12.38 29.12
CA VAL D 2 18.75 -11.18 28.29
C VAL D 2 17.25 -10.99 28.17
N GLN D 3 16.77 -9.78 28.39
CA GLN D 3 15.34 -9.59 28.53
C GLN D 3 14.92 -8.15 28.22
N LEU D 4 13.80 -8.01 27.52
CA LEU D 4 13.23 -6.72 27.13
C LEU D 4 11.78 -6.77 27.59
N GLN D 5 11.33 -5.79 28.35
CA GLN D 5 10.00 -5.91 28.93
C GLN D 5 9.03 -4.86 28.39
N GLN D 6 8.03 -5.35 27.67
CA GLN D 6 7.01 -4.51 27.08
C GLN D 6 5.69 -4.68 27.78
N SER D 7 5.13 -3.56 28.25
CA SER D 7 3.79 -3.55 28.82
C SER D 7 2.73 -4.06 27.84
N GLY D 8 1.90 -4.97 28.33
CA GLY D 8 1.04 -5.82 27.51
C GLY D 8 0.05 -5.09 26.63
N SER D 9 -0.83 -4.30 27.21
CA SER D 9 -1.81 -3.57 26.45
C SER D 9 -1.64 -2.07 26.68
N GLU D 10 -2.11 -1.29 25.73
CA GLU D 10 -2.40 0.11 25.99
C GLU D 10 -3.52 0.58 25.07
N LEU D 11 -4.56 1.16 25.65
CA LEU D 11 -5.70 1.61 24.87
C LEU D 11 -5.61 3.10 24.74
N VAL D 12 -5.90 3.61 23.54
CA VAL D 12 -5.74 5.02 23.29
C VAL D 12 -6.70 5.48 22.22
N ARG D 13 -7.06 6.76 22.28
CA ARG D 13 -8.15 7.29 21.49
C ARG D 13 -7.70 7.81 20.12
N PRO D 14 -8.55 7.66 19.07
CA PRO D 14 -8.26 8.19 17.73
C PRO D 14 -7.81 9.64 17.76
N GLY D 15 -6.79 9.95 16.95
CA GLY D 15 -6.27 11.31 16.86
C GLY D 15 -5.21 11.64 17.90
N ALA D 16 -5.18 10.90 19.01
CA ALA D 16 -4.17 11.13 20.04
C ALA D 16 -2.83 10.56 19.59
N SER D 17 -1.91 10.43 20.55
CA SER D 17 -0.59 9.82 20.37
C SER D 17 -0.32 8.82 21.48
N VAL D 18 0.77 8.07 21.35
CA VAL D 18 1.15 7.17 22.43
C VAL D 18 2.64 6.91 22.38
N LYS D 19 3.21 6.62 23.55
CA LYS D 19 4.63 6.38 23.70
C LYS D 19 4.91 5.00 24.28
N LEU D 20 5.40 4.10 23.44
CA LEU D 20 5.67 2.73 23.85
C LEU D 20 7.06 2.62 24.46
N SER D 21 7.23 1.69 25.39
CA SER D 21 8.50 1.49 26.07
C SER D 21 8.90 0.02 26.10
N CYS D 22 10.21 -0.18 26.28
CA CYS D 22 10.87 -1.44 26.07
C CYS D 22 12.06 -1.50 27.03
N LYS D 23 11.94 -2.28 28.09
CA LYS D 23 12.86 -2.16 29.24
C LYS D 23 13.93 -3.24 29.23
N ALA D 24 15.07 -2.94 28.62
CA ALA D 24 16.08 -3.95 28.33
C ALA D 24 17.01 -4.21 29.53
N SER D 25 17.32 -5.48 29.76
CA SER D 25 18.23 -5.89 30.82
C SER D 25 19.03 -7.10 30.39
N GLY D 26 20.04 -7.44 31.18
CA GLY D 26 20.81 -8.66 30.96
C GLY D 26 21.89 -8.55 29.91
N TYR D 27 22.18 -7.34 29.45
CA TYR D 27 23.20 -7.14 28.44
C TYR D 27 23.59 -5.67 28.41
N THR D 28 24.59 -5.34 27.59
CA THR D 28 25.05 -3.95 27.47
C THR D 28 24.19 -3.12 26.52
N PHE D 29 23.17 -2.48 27.07
CA PHE D 29 22.25 -1.63 26.30
C PHE D 29 22.93 -0.83 25.19
N THR D 30 23.98 -0.10 25.53
CA THR D 30 24.58 0.84 24.61
C THR D 30 24.98 0.24 23.27
N THR D 31 25.36 -1.04 23.25
CA THR D 31 26.12 -1.58 22.14
C THR D 31 25.28 -2.31 21.11
N TYR D 32 24.05 -2.67 21.46
CA TYR D 32 23.14 -3.38 20.53
C TYR D 32 21.99 -2.48 20.04
N TRP D 33 21.60 -2.64 18.77
CA TRP D 33 20.50 -1.87 18.18
C TRP D 33 19.20 -2.34 18.74
N ILE D 34 18.19 -1.49 18.76
CA ILE D 34 16.84 -1.95 19.00
C ILE D 34 15.94 -1.66 17.83
N HIS D 35 15.16 -2.67 17.45
CA HIS D 35 14.23 -2.60 16.31
C HIS D 35 12.80 -2.65 16.79
N TRP D 36 11.90 -1.96 16.10
CA TRP D 36 10.45 -2.07 16.34
C TRP D 36 9.67 -2.68 15.16
N VAL D 37 8.62 -3.42 15.47
CA VAL D 37 7.91 -4.17 14.46
C VAL D 37 6.41 -4.18 14.74
N LYS D 38 5.59 -3.96 13.71
CA LYS D 38 4.14 -3.84 13.87
C LYS D 38 3.55 -5.14 13.46
N GLN D 39 2.56 -5.62 14.19
CA GLN D 39 1.88 -6.79 13.74
C GLN D 39 0.39 -6.68 13.97
N ARG D 40 -0.36 -6.40 12.92
CA ARG D 40 -1.80 -6.53 12.94
C ARG D 40 -2.11 -8.01 12.86
N PRO D 41 -3.04 -8.47 13.67
CA PRO D 41 -3.57 -9.82 13.52
C PRO D 41 -3.85 -10.16 12.08
N GLY D 42 -3.48 -11.38 11.67
CA GLY D 42 -3.74 -11.86 10.31
C GLY D 42 -2.89 -11.16 9.29
N GLN D 43 -1.86 -10.49 9.77
CA GLN D 43 -0.87 -9.91 8.89
C GLN D 43 0.49 -10.25 9.44
N GLY D 44 1.47 -10.17 8.56
CA GLY D 44 2.83 -10.43 8.92
C GLY D 44 3.38 -9.30 9.76
N LEU D 45 4.68 -9.23 9.77
CA LEU D 45 5.37 -8.31 10.60
C LEU D 45 5.70 -7.17 9.69
N GLU D 46 5.76 -5.99 10.25
CA GLU D 46 6.03 -4.82 9.46
C GLU D 46 7.09 -4.06 10.16
N TRP D 47 8.24 -3.93 9.52
CA TRP D 47 9.38 -3.28 10.15
C TRP D 47 9.13 -1.78 10.27
N ILE D 48 9.39 -1.20 11.42
CA ILE D 48 9.10 0.22 11.55
C ILE D 48 10.39 0.99 11.45
N GLY D 49 11.34 0.58 12.30
CA GLY D 49 12.57 1.34 12.47
C GLY D 49 13.45 0.81 13.59
N THR D 50 14.75 1.13 13.48
CA THR D 50 15.73 0.68 14.44
C THR D 50 16.53 1.87 14.96
N ILE D 51 17.01 1.73 16.19
CA ILE D 51 17.82 2.77 16.84
C ILE D 51 19.09 2.19 17.48
N TYR D 52 20.20 2.91 17.35
CA TYR D 52 21.46 2.57 18.03
C TYR D 52 21.68 3.48 19.23
N PRO D 53 21.35 2.98 20.44
CA PRO D 53 21.32 3.79 21.65
C PRO D 53 22.61 4.57 21.87
N GLY D 54 23.73 4.00 21.47
CA GLY D 54 24.97 4.74 21.35
C GLY D 54 24.86 5.71 20.19
N SER D 55 24.89 6.98 20.52
CA SER D 55 24.85 8.04 19.53
C SER D 55 23.72 7.88 18.52
N ASP D 56 22.51 8.02 19.04
CA ASP D 56 21.39 8.54 18.29
C ASP D 56 21.51 8.35 16.78
N ASN D 57 21.43 7.11 16.35
CA ASN D 57 21.28 6.83 14.94
C ASN D 57 20.00 6.10 14.85
N THR D 58 19.38 6.25 13.69
CA THR D 58 18.13 5.63 13.42
C THR D 58 18.10 5.35 11.94
N TYR D 59 17.39 4.29 11.58
CA TYR D 59 16.85 4.13 10.23
C TYR D 59 15.42 3.82 10.41
N TYR D 60 14.56 4.65 9.82
CA TYR D 60 13.13 4.42 9.77
C TYR D 60 12.83 3.86 8.41
N ASP D 61 11.65 3.28 8.26
CA ASP D 61 11.13 2.94 6.94
C ASP D 61 10.15 4.01 6.43
N GLU D 62 10.34 4.45 5.20
CA GLU D 62 9.52 5.49 4.57
C GLU D 62 8.10 5.57 5.13
N LYS D 63 7.35 4.49 5.06
CA LYS D 63 5.94 4.50 5.42
C LYS D 63 5.66 5.05 6.80
N PHE D 64 6.57 4.91 7.74
CA PHE D 64 6.34 5.38 9.10
C PHE D 64 7.19 6.58 9.39
N LYS D 65 7.66 7.25 8.33
CA LYS D 65 8.57 8.37 8.46
C LYS D 65 8.10 9.28 9.57
N ASN D 66 6.82 9.63 9.53
CA ASN D 66 6.20 10.59 10.47
C ASN D 66 4.99 10.08 11.30
N LYS D 67 4.78 8.77 11.33
CA LYS D 67 3.97 8.14 12.38
C LYS D 67 4.84 8.01 13.61
N ALA D 68 6.01 7.42 13.39
CA ALA D 68 6.84 6.87 14.45
C ALA D 68 8.09 7.70 14.69
N THR D 69 8.39 7.89 15.97
CA THR D 69 9.59 8.61 16.42
C THR D 69 10.24 7.74 17.49
N LEU D 70 11.57 7.60 17.41
CA LEU D 70 12.30 6.59 18.18
C LEU D 70 13.37 7.19 19.07
N THR D 71 13.39 6.77 20.33
CA THR D 71 14.27 7.36 21.34
C THR D 71 14.77 6.31 22.34
N VAL D 72 15.92 6.60 22.92
CA VAL D 72 16.56 5.75 23.94
C VAL D 72 16.33 6.33 25.33
N ASP D 73 16.72 5.60 26.37
CA ASP D 73 17.04 6.23 27.65
C ASP D 73 18.22 5.52 28.32
N THR D 74 19.43 5.96 28.01
CA THR D 74 20.62 5.17 28.32
C THR D 74 20.68 4.80 29.81
N SER D 75 20.38 5.77 30.69
CA SER D 75 20.42 5.54 32.15
C SER D 75 19.57 4.36 32.60
N SER D 76 18.26 4.43 32.34
CA SER D 76 17.34 3.34 32.70
C SER D 76 17.32 2.19 31.69
N SER D 77 18.08 2.31 30.59
CA SER D 77 18.12 1.30 29.54
C SER D 77 16.72 0.84 29.14
N THR D 78 15.90 1.81 28.75
CA THR D 78 14.60 1.54 28.18
C THR D 78 14.50 2.28 26.85
N ALA D 79 13.86 1.66 25.87
CA ALA D 79 13.75 2.18 24.51
C ALA D 79 12.34 2.64 24.22
N PHE D 80 12.19 3.73 23.47
CA PHE D 80 10.90 4.37 23.31
C PHE D 80 10.48 4.54 21.88
N MET D 81 9.17 4.44 21.66
CA MET D 81 8.56 4.72 20.38
C MET D 81 7.38 5.65 20.58
N GLN D 82 7.42 6.80 19.92
CA GLN D 82 6.29 7.73 19.93
C GLN D 82 5.44 7.46 18.70
N LEU D 83 4.14 7.27 18.90
CA LEU D 83 3.23 7.19 17.77
C LEU D 83 2.36 8.45 17.73
N SER D 84 2.12 8.94 16.50
CA SER D 84 1.69 10.32 16.24
C SER D 84 0.20 10.53 16.33
N SER D 85 -0.51 10.41 15.21
CA SER D 85 -1.93 10.77 15.20
C SER D 85 -2.73 9.53 14.99
N LEU D 86 -2.82 8.78 16.08
CA LEU D 86 -3.22 7.38 16.04
C LEU D 86 -4.58 7.21 15.40
N THR D 87 -4.63 6.29 14.45
CA THR D 87 -5.85 6.02 13.75
C THR D 87 -6.15 4.55 13.89
N SER D 88 -7.36 4.20 13.51
CA SER D 88 -7.86 2.82 13.49
C SER D 88 -6.86 1.86 12.90
N GLU D 89 -6.27 2.27 11.79
CA GLU D 89 -5.26 1.48 11.07
C GLU D 89 -3.98 1.17 11.87
N ASP D 90 -3.75 1.91 12.96
CA ASP D 90 -2.58 1.72 13.83
C ASP D 90 -2.82 0.74 14.97
N SER D 91 -4.05 0.25 15.11
CA SER D 91 -4.34 -0.82 16.06
C SER D 91 -3.56 -2.05 15.62
N ALA D 92 -2.52 -2.35 16.37
CA ALA D 92 -1.67 -3.47 16.08
C ALA D 92 -0.97 -3.85 17.36
N VAL D 93 -0.32 -5.00 17.38
CA VAL D 93 0.60 -5.33 18.46
C VAL D 93 1.96 -4.80 18.06
N TYR D 94 2.69 -4.28 19.03
CA TYR D 94 4.00 -3.69 18.74
C TYR D 94 5.15 -4.33 19.53
N PHE D 95 6.12 -4.86 18.79
CA PHE D 95 7.25 -5.54 19.37
C PHE D 95 8.45 -4.62 19.28
N CYS D 96 9.35 -4.74 20.23
CA CYS D 96 10.69 -4.21 20.06
C CYS D 96 11.57 -5.47 20.13
N THR D 97 12.67 -5.45 19.41
CA THR D 97 13.60 -6.56 19.42
C THR D 97 15.02 -6.05 19.29
N ARG D 98 15.96 -6.85 19.82
CA ARG D 98 17.37 -6.54 19.87
C ARG D 98 18.08 -7.07 18.65
N GLY D 99 18.86 -6.20 17.99
CA GLY D 99 19.52 -6.53 16.74
C GLY D 99 21.00 -6.92 16.76
N SER D 100 21.84 -6.06 16.18
CA SER D 100 23.26 -6.36 16.00
C SER D 100 24.13 -5.76 17.10
N LEU D 101 25.38 -6.21 17.11
CA LEU D 101 26.41 -5.58 17.90
C LEU D 101 27.17 -4.60 16.99
N TYR D 102 26.97 -3.32 17.29
CA TYR D 102 27.62 -2.22 16.57
C TYR D 102 27.19 -2.08 15.12
N TYR D 103 27.69 -1.05 14.46
CA TYR D 103 27.27 -0.72 13.11
C TYR D 103 27.69 -1.82 12.18
N ASN D 104 26.75 -2.70 11.88
CA ASN D 104 26.98 -3.88 11.03
C ASN D 104 25.68 -4.67 10.95
N ASN D 105 25.57 -5.49 9.92
CA ASN D 105 24.38 -6.29 9.78
C ASN D 105 24.70 -7.76 9.93
N TYR D 106 25.71 -8.07 10.75
CA TYR D 106 26.15 -9.45 10.82
C TYR D 106 25.41 -10.20 11.94
N GLY D 107 24.44 -9.58 12.60
CA GLY D 107 23.75 -10.24 13.72
C GLY D 107 22.41 -10.88 13.41
N TRP D 108 21.52 -10.84 14.40
CA TRP D 108 20.21 -11.46 14.30
C TRP D 108 19.17 -10.62 14.99
N PHE D 109 17.91 -10.87 14.67
CA PHE D 109 16.81 -10.46 15.57
C PHE D 109 16.84 -11.48 16.74
N GLY D 110 17.69 -11.20 17.74
CA GLY D 110 17.99 -12.16 18.77
C GLY D 110 16.87 -12.37 19.75
N TYR D 111 16.41 -11.29 20.36
CA TYR D 111 15.47 -11.38 21.49
C TYR D 111 14.32 -10.40 21.29
N TRP D 112 13.12 -10.82 21.68
CA TRP D 112 11.91 -10.10 21.34
C TRP D 112 11.14 -9.81 22.60
N GLY D 113 10.65 -8.59 22.74
CA GLY D 113 9.64 -8.33 23.77
C GLY D 113 8.45 -9.26 23.53
N GLN D 114 7.45 -9.22 24.43
CA GLN D 114 6.18 -9.98 24.22
C GLN D 114 5.07 -9.09 23.65
N GLY D 115 5.40 -7.82 23.46
CA GLY D 115 4.55 -6.91 22.70
C GLY D 115 3.57 -6.08 23.53
N THR D 116 3.17 -4.96 22.94
CA THR D 116 2.10 -4.14 23.46
C THR D 116 1.01 -4.19 22.42
N LEU D 117 -0.21 -4.51 22.87
CA LEU D 117 -1.40 -4.51 22.02
C LEU D 117 -2.02 -3.14 22.07
N VAL D 118 -1.85 -2.41 21.00
CA VAL D 118 -2.33 -1.05 20.96
C VAL D 118 -3.64 -1.01 20.20
N THR D 119 -4.68 -0.67 20.95
CA THR D 119 -6.04 -0.74 20.47
C THR D 119 -6.64 0.67 20.46
N VAL D 120 -7.07 1.10 19.27
CA VAL D 120 -7.39 2.49 18.96
C VAL D 120 -8.87 2.59 18.74
N SER D 121 -9.57 3.17 19.70
CA SER D 121 -11.00 3.30 19.63
C SER D 121 -11.38 4.41 20.55
N ALA D 122 -12.20 5.31 20.06
CA ALA D 122 -12.79 6.31 20.91
C ALA D 122 -13.98 5.67 21.62
N ALA D 123 -14.06 4.34 21.61
CA ALA D 123 -15.22 3.61 22.13
C ALA D 123 -15.37 3.74 23.64
N LYS D 124 -16.62 3.77 24.09
CA LYS D 124 -16.97 3.76 25.52
C LYS D 124 -17.78 2.50 25.81
N THR D 125 -17.78 2.06 27.07
CA THR D 125 -18.39 0.77 27.43
C THR D 125 -19.77 0.52 26.80
N THR D 126 -19.78 -0.30 25.77
CA THR D 126 -21.02 -0.61 25.04
C THR D 126 -21.32 -2.07 25.29
N PRO D 127 -22.56 -2.38 25.68
CA PRO D 127 -22.97 -3.79 25.63
C PRO D 127 -22.99 -4.32 24.20
N PRO D 128 -23.04 -5.64 24.03
CA PRO D 128 -23.22 -6.22 22.73
C PRO D 128 -24.68 -6.21 22.33
N SER D 129 -24.96 -6.13 21.04
CA SER D 129 -26.29 -6.35 20.53
C SER D 129 -26.28 -7.74 19.94
N VAL D 130 -26.97 -8.66 20.57
CA VAL D 130 -26.95 -10.05 20.13
C VAL D 130 -28.13 -10.30 19.21
N TYR D 131 -27.81 -10.68 17.97
CA TYR D 131 -28.80 -11.07 16.98
C TYR D 131 -28.64 -12.55 16.66
N PRO D 132 -29.73 -13.25 16.36
CA PRO D 132 -29.68 -14.69 16.11
C PRO D 132 -29.15 -14.98 14.73
N LEU D 133 -28.88 -16.24 14.44
CA LEU D 133 -28.49 -16.66 13.10
C LEU D 133 -29.18 -17.96 12.76
N ALA D 134 -30.37 -17.86 12.18
CA ALA D 134 -31.09 -19.02 11.73
C ALA D 134 -30.82 -19.24 10.27
N PRO D 135 -30.78 -20.50 9.84
CA PRO D 135 -30.88 -20.83 8.43
C PRO D 135 -32.38 -20.66 8.23
N GLY D 136 -32.89 -20.19 7.09
CA GLY D 136 -32.47 -20.52 5.74
C GLY D 136 -33.68 -21.37 5.34
N SER D 137 -34.11 -21.34 4.08
CA SER D 137 -35.21 -22.22 3.64
C SER D 137 -34.68 -23.47 2.92
N ASN D 138 -33.36 -23.50 2.68
CA ASN D 138 -32.69 -24.64 2.02
C ASN D 138 -32.60 -25.77 3.06
N ALA D 139 -33.64 -26.59 3.06
CA ALA D 139 -34.11 -27.33 4.23
C ALA D 139 -33.42 -28.67 4.41
N ALA D 140 -32.32 -28.67 5.17
CA ALA D 140 -31.58 -29.90 5.48
C ALA D 140 -32.54 -30.96 6.03
N SER D 141 -32.99 -31.88 5.16
CA SER D 141 -33.79 -33.04 5.60
C SER D 141 -32.96 -33.97 6.47
N GLN D 142 -31.79 -33.47 6.89
CA GLN D 142 -30.66 -34.30 7.25
C GLN D 142 -30.25 -34.13 8.70
N SER D 143 -29.71 -35.23 9.23
CA SER D 143 -29.10 -35.30 10.54
C SER D 143 -29.13 -33.98 11.31
N MET D 144 -28.23 -33.06 10.94
CA MET D 144 -27.90 -31.96 11.82
C MET D 144 -28.17 -30.60 11.22
N VAL D 145 -28.00 -29.59 12.06
CA VAL D 145 -28.40 -28.22 11.77
C VAL D 145 -27.53 -27.29 12.62
N THR D 146 -27.06 -26.21 12.02
CA THR D 146 -26.24 -25.25 12.74
C THR D 146 -26.96 -23.92 12.87
N LEU D 147 -26.94 -23.36 14.07
CA LEU D 147 -27.44 -22.01 14.29
C LEU D 147 -26.54 -21.30 15.29
N GLY D 148 -26.66 -19.98 15.36
CA GLY D 148 -25.68 -19.17 16.08
C GLY D 148 -26.15 -17.77 16.42
N CYS D 149 -25.25 -17.00 17.04
CA CYS D 149 -25.54 -15.62 17.37
C CYS D 149 -24.39 -14.77 16.97
N LEU D 150 -24.72 -13.67 16.30
CA LEU D 150 -23.82 -12.57 16.18
C LEU D 150 -23.84 -11.78 17.49
N VAL D 151 -22.67 -11.43 18.00
CA VAL D 151 -22.57 -10.58 19.17
C VAL D 151 -21.85 -9.31 18.72
N LYS D 152 -22.65 -8.31 18.35
CA LYS D 152 -22.14 -7.17 17.60
C LYS D 152 -22.00 -5.92 18.46
N GLY D 153 -20.89 -5.22 18.24
CA GLY D 153 -20.74 -3.83 18.63
C GLY D 153 -20.62 -3.63 20.12
N TYR D 154 -19.67 -4.36 20.72
CA TYR D 154 -19.45 -4.32 22.15
C TYR D 154 -18.01 -3.95 22.43
N PHE D 155 -17.79 -3.37 23.60
CA PHE D 155 -16.47 -2.92 23.98
C PHE D 155 -16.42 -2.62 25.47
N PRO D 156 -15.35 -3.05 26.15
CA PRO D 156 -14.17 -3.71 25.59
C PRO D 156 -14.28 -5.23 25.62
N GLU D 157 -13.14 -5.87 25.33
CA GLU D 157 -13.04 -7.31 25.45
C GLU D 157 -13.08 -7.71 26.94
N PRO D 158 -13.64 -8.90 27.23
CA PRO D 158 -14.39 -9.81 26.42
C PRO D 158 -15.85 -9.90 26.79
N VAL D 159 -16.58 -10.64 25.97
CA VAL D 159 -17.87 -11.19 26.39
C VAL D 159 -17.66 -12.67 26.51
N THR D 160 -18.68 -13.38 26.93
CA THR D 160 -18.63 -14.84 26.91
C THR D 160 -20.01 -15.38 26.67
N VAL D 161 -20.06 -16.35 25.76
CA VAL D 161 -21.28 -16.91 25.29
C VAL D 161 -21.40 -18.36 25.74
N THR D 162 -22.61 -18.75 26.14
CA THR D 162 -22.95 -20.15 26.34
C THR D 162 -24.35 -20.44 25.79
N TRP D 163 -24.63 -21.72 25.59
CA TRP D 163 -25.87 -22.16 24.97
C TRP D 163 -26.70 -23.00 25.93
N ASN D 164 -27.88 -22.48 26.30
CA ASN D 164 -28.75 -23.04 27.35
C ASN D 164 -28.01 -23.14 28.67
N SER D 165 -27.10 -22.18 28.87
CA SER D 165 -26.25 -22.04 30.05
C SER D 165 -25.31 -23.22 30.27
N GLY D 166 -25.11 -24.04 29.25
CA GLY D 166 -24.30 -25.25 29.37
C GLY D 166 -25.04 -26.54 29.04
N SER D 167 -26.36 -26.57 29.20
CA SER D 167 -27.15 -27.75 28.80
C SER D 167 -26.58 -28.35 27.52
N LEU D 168 -26.50 -27.48 26.52
CA LEU D 168 -25.91 -27.78 25.21
C LEU D 168 -24.51 -27.20 25.15
N SER D 169 -23.56 -28.12 25.03
CA SER D 169 -22.14 -27.82 25.15
C SER D 169 -21.30 -28.56 24.11
N SER D 170 -21.77 -29.72 23.65
CA SER D 170 -21.08 -30.42 22.56
C SER D 170 -21.29 -29.65 21.25
N GLY D 171 -20.27 -29.66 20.40
CA GLY D 171 -20.33 -29.01 19.09
C GLY D 171 -20.71 -27.52 19.10
N VAL D 172 -20.33 -26.81 20.17
CA VAL D 172 -20.44 -25.34 20.19
C VAL D 172 -19.13 -24.71 19.74
N HIS D 173 -19.20 -23.70 18.88
CA HIS D 173 -18.00 -23.05 18.40
C HIS D 173 -18.13 -21.55 18.56
N THR D 174 -17.28 -20.96 19.40
CA THR D 174 -17.16 -19.52 19.47
C THR D 174 -15.91 -19.08 18.74
N PHE D 175 -15.99 -17.97 18.03
CA PHE D 175 -14.92 -17.49 17.19
C PHE D 175 -14.32 -16.22 17.77
N PRO D 176 -13.12 -15.86 17.31
CA PRO D 176 -12.43 -14.64 17.78
C PRO D 176 -13.17 -13.36 17.51
N ALA D 177 -13.16 -12.44 18.46
CA ALA D 177 -13.71 -11.11 18.24
C ALA D 177 -12.83 -10.45 17.20
N VAL D 178 -13.43 -9.53 16.45
CA VAL D 178 -12.75 -8.73 15.43
C VAL D 178 -13.07 -7.27 15.70
N LEU D 179 -12.12 -6.39 15.43
CA LEU D 179 -12.32 -4.99 15.71
C LEU D 179 -12.88 -4.31 14.46
N GLN D 180 -14.09 -3.78 14.61
CA GLN D 180 -14.90 -3.25 13.52
C GLN D 180 -15.29 -1.82 13.86
N SER D 181 -14.58 -0.84 13.28
CA SER D 181 -14.96 0.59 13.47
C SER D 181 -15.12 0.95 14.97
N ASP D 182 -14.02 0.81 15.73
CA ASP D 182 -13.98 1.07 17.19
C ASP D 182 -14.62 0.00 18.09
N LEU D 183 -15.49 -0.85 17.54
CA LEU D 183 -16.18 -1.85 18.36
C LEU D 183 -15.94 -3.28 17.94
N TYR D 184 -15.91 -4.17 18.93
CA TYR D 184 -15.65 -5.57 18.69
C TYR D 184 -16.90 -6.26 18.28
N THR D 185 -16.68 -7.40 17.64
CA THR D 185 -17.76 -8.26 17.16
C THR D 185 -17.21 -9.66 17.03
N LEU D 186 -17.98 -10.63 17.51
CA LEU D 186 -17.63 -12.04 17.35
C LEU D 186 -18.90 -12.83 17.16
N THR D 187 -18.77 -14.14 16.95
CA THR D 187 -19.96 -15.00 16.87
C THR D 187 -19.71 -16.37 17.41
N SER D 188 -20.81 -17.06 17.64
CA SER D 188 -20.78 -18.42 18.09
C SER D 188 -21.91 -19.16 17.42
N SER D 189 -21.60 -20.39 17.06
CA SER D 189 -22.54 -21.32 16.48
C SER D 189 -22.73 -22.51 17.40
N VAL D 190 -23.64 -23.39 17.02
CA VAL D 190 -23.86 -24.65 17.75
C VAL D 190 -24.69 -25.61 16.91
N THR D 191 -24.20 -26.84 16.78
CA THR D 191 -24.70 -27.75 15.78
C THR D 191 -25.43 -28.88 16.46
N VAL D 192 -26.76 -28.88 16.34
CA VAL D 192 -27.64 -29.90 16.94
C VAL D 192 -28.16 -30.83 15.83
N PRO D 193 -28.92 -31.90 16.19
CA PRO D 193 -29.68 -32.69 15.20
C PRO D 193 -31.05 -32.09 14.79
N SER D 194 -31.63 -32.60 13.70
CA SER D 194 -32.82 -32.00 13.06
C SER D 194 -34.06 -31.98 13.93
N SER D 195 -34.46 -33.16 14.41
CA SER D 195 -35.65 -33.32 15.24
C SER D 195 -35.69 -32.40 16.45
N THR D 196 -34.54 -32.20 17.09
CA THR D 196 -34.45 -31.43 18.34
C THR D 196 -34.62 -29.91 18.20
N TRP D 197 -34.78 -29.43 16.97
CA TRP D 197 -35.06 -28.01 16.73
C TRP D 197 -35.82 -27.82 15.42
N PRO D 198 -36.74 -26.86 15.40
CA PRO D 198 -37.22 -25.99 16.47
C PRO D 198 -38.10 -26.67 17.56
N SER D 199 -38.17 -28.00 17.56
CA SER D 199 -38.84 -28.77 18.62
C SER D 199 -38.66 -28.15 20.00
N GLN D 200 -37.41 -28.14 20.43
CA GLN D 200 -37.00 -27.58 21.72
C GLN D 200 -36.26 -26.28 21.46
N THR D 201 -36.60 -25.25 22.22
CA THR D 201 -36.01 -23.94 22.02
C THR D 201 -34.52 -24.03 22.34
N VAL D 202 -33.73 -23.29 21.57
CA VAL D 202 -32.27 -23.24 21.75
C VAL D 202 -31.86 -21.79 21.85
N THR D 203 -31.33 -21.40 23.01
CA THR D 203 -31.01 -20.00 23.28
C THR D 203 -29.53 -19.89 23.52
N CYS D 204 -28.93 -18.78 23.10
CA CYS D 204 -27.59 -18.47 23.54
C CYS D 204 -27.64 -17.38 24.56
N ASN D 205 -26.72 -17.53 25.51
CA ASN D 205 -26.57 -16.66 26.67
C ASN D 205 -25.28 -15.92 26.47
N VAL D 206 -25.35 -14.60 26.49
CA VAL D 206 -24.19 -13.77 26.21
C VAL D 206 -23.98 -12.81 27.38
N ALA D 207 -22.81 -12.89 28.01
CA ALA D 207 -22.46 -12.02 29.14
C ALA D 207 -21.35 -11.06 28.75
N HIS D 208 -21.56 -9.79 29.05
CA HIS D 208 -20.55 -8.76 28.86
C HIS D 208 -20.31 -8.07 30.20
N PRO D 209 -19.28 -8.52 30.92
CA PRO D 209 -18.66 -7.91 32.09
C PRO D 209 -18.70 -6.39 32.22
N ALA D 210 -17.91 -5.69 31.42
CA ALA D 210 -17.64 -4.28 31.64
C ALA D 210 -18.89 -3.42 31.68
N SER D 211 -19.94 -3.85 30.96
CA SER D 211 -21.23 -3.16 30.94
C SER D 211 -22.21 -3.72 31.96
N SER D 212 -21.79 -4.78 32.66
CA SER D 212 -22.58 -5.44 33.69
C SER D 212 -23.89 -5.95 33.11
N THR D 213 -23.84 -6.32 31.84
CA THR D 213 -25.05 -6.74 31.14
C THR D 213 -24.98 -8.22 30.83
N LYS D 214 -26.15 -8.79 30.56
CA LYS D 214 -26.23 -10.16 30.08
C LYS D 214 -27.60 -10.47 29.53
N VAL D 215 -27.61 -10.93 28.28
CA VAL D 215 -28.81 -11.11 27.48
C VAL D 215 -28.90 -12.56 26.98
N ASP D 216 -30.12 -13.04 26.76
CA ASP D 216 -30.36 -14.32 26.11
C ASP D 216 -31.16 -14.08 24.84
N LYS D 217 -30.89 -14.84 23.77
CA LYS D 217 -31.67 -14.70 22.53
C LYS D 217 -32.19 -16.06 21.99
N LYS D 218 -33.51 -16.23 22.04
CA LYS D 218 -34.15 -17.43 21.52
C LYS D 218 -33.94 -17.42 20.02
N ILE D 219 -33.47 -18.55 19.50
CA ILE D 219 -33.25 -18.67 18.06
C ILE D 219 -34.49 -19.20 17.38
N VAL D 220 -35.24 -18.31 16.73
CA VAL D 220 -36.50 -18.66 16.06
C VAL D 220 -36.26 -18.93 14.58
N PRO D 221 -36.95 -19.96 14.01
CA PRO D 221 -36.95 -20.17 12.57
C PRO D 221 -37.34 -18.92 11.78
N ARG D 222 -36.89 -18.84 10.54
CA ARG D 222 -37.14 -17.68 9.70
C ARG D 222 -38.60 -17.65 9.21
#